data_2PTA
#
_entry.id   2PTA
#
_cell.length_a   1.000
_cell.length_b   1.000
_cell.length_c   1.000
_cell.angle_alpha   90.00
_cell.angle_beta   90.00
_cell.angle_gamma   90.00
#
_symmetry.space_group_name_H-M   'P 1'
#
_entity_poly.entity_id   1
_entity_poly.type   'polypeptide(L)'
_entity_poly.pdbx_seq_one_letter_code
;TISCTNPKQCYPHCKKETGYPNAKCMNRKCKCFGR
;
_entity_poly.pdbx_strand_id   A
#
# COMPACT_ATOMS: atom_id res chain seq x y z
N THR A 1 -6.42 -8.46 -1.68
CA THR A 1 -5.65 -7.45 -2.47
C THR A 1 -6.55 -6.25 -2.78
N ILE A 2 -5.98 -5.09 -2.91
CA ILE A 2 -6.80 -3.88 -3.22
C ILE A 2 -6.39 -3.29 -4.56
N SER A 3 -7.15 -2.35 -5.06
CA SER A 3 -6.79 -1.74 -6.37
C SER A 3 -6.24 -0.32 -6.13
N CYS A 4 -4.99 -0.10 -6.43
CA CYS A 4 -4.41 1.25 -6.19
C CYS A 4 -3.53 1.64 -7.38
N THR A 5 -3.92 2.67 -8.09
CA THR A 5 -3.09 3.12 -9.25
C THR A 5 -2.00 4.06 -8.75
N ASN A 6 -1.94 4.28 -7.46
CA ASN A 6 -0.91 5.18 -6.89
C ASN A 6 -0.53 4.68 -5.50
N PRO A 7 0.61 5.11 -5.03
CA PRO A 7 1.13 4.72 -3.71
C PRO A 7 0.42 5.51 -2.61
N LYS A 8 -0.01 6.71 -2.90
CA LYS A 8 -0.71 7.53 -1.87
C LYS A 8 -1.89 6.76 -1.29
N GLN A 9 -2.39 5.78 -2.00
CA GLN A 9 -3.55 5.00 -1.48
C GLN A 9 -3.04 3.93 -0.50
N CYS A 10 -2.05 3.17 -0.90
CA CYS A 10 -1.51 2.12 0.00
C CYS A 10 -0.65 2.77 1.08
N TYR A 11 -0.43 4.06 0.98
CA TYR A 11 0.41 4.74 1.99
C TYR A 11 -0.33 4.76 3.33
N PRO A 12 -1.51 5.35 3.34
CA PRO A 12 -2.35 5.40 4.56
C PRO A 12 -3.00 4.05 4.87
N HIS A 13 -3.50 3.38 3.88
CA HIS A 13 -4.15 2.06 4.14
C HIS A 13 -3.18 1.15 4.89
N CYS A 14 -1.94 1.12 4.49
CA CYS A 14 -0.96 0.25 5.20
C CYS A 14 -0.47 0.95 6.46
N LYS A 15 -0.53 2.25 6.50
CA LYS A 15 -0.06 2.99 7.71
C LYS A 15 -0.77 2.42 8.95
N LYS A 16 -1.85 1.72 8.77
CA LYS A 16 -2.57 1.15 9.94
C LYS A 16 -2.65 -0.37 9.80
N GLU A 17 -2.75 -0.87 8.61
CA GLU A 17 -2.83 -2.34 8.41
C GLU A 17 -1.60 -3.00 9.01
N THR A 18 -0.44 -2.49 8.70
CA THR A 18 0.81 -3.09 9.24
C THR A 18 1.62 -2.01 9.97
N GLY A 19 1.12 -0.81 10.01
CA GLY A 19 1.85 0.29 10.70
C GLY A 19 2.80 0.97 9.71
N TYR A 20 3.31 0.25 8.76
CA TYR A 20 4.25 0.86 7.78
C TYR A 20 3.45 1.49 6.63
N PRO A 21 3.52 2.79 6.52
CA PRO A 21 2.82 3.52 5.46
C PRO A 21 3.60 3.41 4.14
N ASN A 22 4.88 3.17 4.22
CA ASN A 22 5.69 3.04 2.98
C ASN A 22 5.19 1.87 2.15
N ALA A 23 4.26 2.09 1.27
CA ALA A 23 3.73 0.98 0.44
C ALA A 23 3.73 1.39 -1.03
N LYS A 24 4.18 0.53 -1.90
CA LYS A 24 4.20 0.88 -3.36
C LYS A 24 2.96 0.30 -4.02
N CYS A 25 2.73 0.62 -5.27
CA CYS A 25 1.54 0.08 -5.99
C CYS A 25 1.94 -0.34 -7.40
N MET A 26 1.32 -1.38 -7.92
CA MET A 26 1.67 -1.84 -9.29
C MET A 26 0.39 -2.07 -10.09
N ASN A 27 0.48 -2.72 -11.21
CA ASN A 27 -0.74 -2.98 -12.02
C ASN A 27 -1.83 -3.58 -11.13
N ARG A 28 -2.66 -2.75 -10.55
CA ARG A 28 -3.74 -3.29 -9.67
C ARG A 28 -3.12 -4.15 -8.57
N LYS A 29 -2.05 -3.71 -7.98
CA LYS A 29 -1.40 -4.51 -6.90
C LYS A 29 -0.84 -3.57 -5.84
N CYS A 30 -0.37 -4.11 -4.75
CA CYS A 30 0.19 -3.24 -3.67
C CYS A 30 1.31 -3.98 -2.94
N LYS A 31 2.47 -3.38 -2.83
CA LYS A 31 3.60 -4.04 -2.13
C LYS A 31 4.02 -3.18 -0.94
N CYS A 32 3.38 -3.37 0.19
CA CYS A 32 3.74 -2.56 1.39
C CYS A 32 5.17 -2.86 1.82
N PHE A 33 5.66 -2.18 2.81
CA PHE A 33 7.06 -2.41 3.27
C PHE A 33 7.04 -3.38 4.47
N GLY A 34 6.25 -4.42 4.40
CA GLY A 34 6.19 -5.38 5.53
C GLY A 34 4.79 -5.99 5.62
N ARG A 35 4.34 -6.61 4.57
CA ARG A 35 2.98 -7.22 4.58
C ARG A 35 3.00 -8.46 5.49
N THR A 1 -7.89 -7.43 -4.46
CA THR A 1 -7.62 -6.52 -3.31
C THR A 1 -8.08 -5.10 -3.67
N ILE A 2 -7.42 -4.11 -3.15
CA ILE A 2 -7.82 -2.71 -3.45
C ILE A 2 -7.06 -2.21 -4.68
N SER A 3 -7.45 -1.09 -5.23
CA SER A 3 -6.74 -0.56 -6.42
C SER A 3 -6.00 0.72 -6.03
N CYS A 4 -4.91 1.01 -6.67
CA CYS A 4 -4.16 2.24 -6.32
C CYS A 4 -3.41 2.77 -7.55
N THR A 5 -3.88 3.85 -8.11
CA THR A 5 -3.19 4.43 -9.29
C THR A 5 -1.92 5.14 -8.83
N ASN A 6 -1.67 5.16 -7.54
CA ASN A 6 -0.45 5.83 -7.01
C ASN A 6 -0.16 5.26 -5.62
N PRO A 7 0.90 5.74 -5.01
CA PRO A 7 1.30 5.28 -3.68
C PRO A 7 0.42 5.90 -2.60
N LYS A 8 -0.10 7.08 -2.85
CA LYS A 8 -0.97 7.74 -1.84
C LYS A 8 -2.06 6.78 -1.37
N GLN A 9 -2.37 5.78 -2.15
CA GLN A 9 -3.43 4.81 -1.73
C GLN A 9 -2.82 3.69 -0.89
N CYS A 10 -1.68 3.19 -1.29
CA CYS A 10 -1.03 2.09 -0.51
C CYS A 10 -0.34 2.68 0.72
N TYR A 11 -0.30 3.98 0.82
CA TYR A 11 0.36 4.61 1.99
C TYR A 11 -0.51 4.43 3.24
N PRO A 12 -1.75 4.85 3.14
CA PRO A 12 -2.71 4.72 4.24
C PRO A 12 -3.20 3.27 4.41
N HIS A 13 -3.50 2.61 3.32
CA HIS A 13 -3.97 1.21 3.43
C HIS A 13 -2.89 0.36 4.12
N CYS A 14 -1.65 0.54 3.76
CA CYS A 14 -0.57 -0.25 4.40
C CYS A 14 -0.25 0.35 5.77
N LYS A 15 -0.59 1.59 5.98
CA LYS A 15 -0.30 2.23 7.29
C LYS A 15 -1.02 1.48 8.41
N LYS A 16 -2.08 0.79 8.08
CA LYS A 16 -2.82 0.03 9.12
C LYS A 16 -2.63 -1.47 8.89
N GLU A 17 -2.44 -1.87 7.66
CA GLU A 17 -2.25 -3.32 7.36
C GLU A 17 -0.96 -3.81 8.03
N THR A 18 0.08 -3.02 7.99
CA THR A 18 1.36 -3.44 8.62
C THR A 18 1.94 -2.29 9.42
N GLY A 19 1.11 -1.40 9.91
CA GLY A 19 1.61 -0.26 10.71
C GLY A 19 2.29 0.76 9.78
N TYR A 20 3.53 0.52 9.45
CA TYR A 20 4.24 1.47 8.54
C TYR A 20 3.43 1.67 7.27
N PRO A 21 3.37 2.90 6.81
CA PRO A 21 2.62 3.26 5.59
C PRO A 21 3.45 2.90 4.35
N ASN A 22 4.74 2.77 4.51
CA ASN A 22 5.61 2.42 3.35
C ASN A 22 4.94 1.31 2.53
N ALA A 23 4.94 1.44 1.24
CA ALA A 23 4.31 0.39 0.39
C ALA A 23 4.44 0.78 -1.08
N LYS A 24 3.95 -0.04 -1.98
CA LYS A 24 4.06 0.29 -3.42
C LYS A 24 2.80 -0.21 -4.14
N CYS A 25 2.77 -0.13 -5.44
CA CYS A 25 1.56 -0.60 -6.17
C CYS A 25 1.95 -1.57 -7.29
N MET A 26 1.48 -2.78 -7.21
CA MET A 26 1.82 -3.78 -8.27
C MET A 26 0.77 -3.71 -9.38
N ASN A 27 0.71 -4.70 -10.23
CA ASN A 27 -0.29 -4.67 -11.32
C ASN A 27 -1.68 -4.42 -10.73
N ARG A 28 -2.07 -3.18 -10.61
CA ARG A 28 -3.41 -2.89 -10.03
C ARG A 28 -3.54 -3.57 -8.66
N LYS A 29 -2.47 -3.68 -7.94
CA LYS A 29 -2.52 -4.34 -6.61
C LYS A 29 -1.86 -3.43 -5.56
N CYS A 30 -1.99 -3.77 -4.30
CA CYS A 30 -1.38 -2.93 -3.24
C CYS A 30 -0.45 -3.80 -2.38
N LYS A 31 0.82 -3.52 -2.39
CA LYS A 31 1.77 -4.33 -1.56
C LYS A 31 2.27 -3.48 -0.38
N CYS A 32 2.39 -4.08 0.78
CA CYS A 32 2.87 -3.31 1.95
C CYS A 32 4.29 -3.74 2.30
N PHE A 33 4.96 -2.98 3.13
CA PHE A 33 6.36 -3.34 3.50
C PHE A 33 6.62 -2.90 4.94
N GLY A 34 6.11 -3.60 5.90
CA GLY A 34 6.33 -3.21 7.32
C GLY A 34 7.82 -3.27 7.65
N ARG A 35 8.61 -3.87 6.79
CA ARG A 35 10.07 -3.94 7.05
C ARG A 35 10.58 -2.59 7.55
N THR A 1 -7.51 -7.75 -3.31
CA THR A 1 -6.90 -6.57 -2.63
C THR A 1 -7.61 -5.29 -3.09
N ILE A 2 -6.92 -4.18 -3.03
CA ILE A 2 -7.55 -2.90 -3.49
C ILE A 2 -6.80 -2.35 -4.69
N SER A 3 -7.36 -1.38 -5.35
CA SER A 3 -6.67 -0.79 -6.53
C SER A 3 -5.93 0.47 -6.09
N CYS A 4 -5.10 1.02 -6.92
CA CYS A 4 -4.35 2.25 -6.53
C CYS A 4 -3.36 2.65 -7.62
N THR A 5 -3.70 3.62 -8.42
CA THR A 5 -2.78 4.06 -9.50
C THR A 5 -1.55 4.69 -8.86
N ASN A 6 -1.61 4.96 -7.58
CA ASN A 6 -0.44 5.57 -6.88
C ASN A 6 -0.32 4.98 -5.48
N PRO A 7 0.80 5.23 -4.85
CA PRO A 7 1.09 4.74 -3.49
C PRO A 7 0.39 5.60 -2.44
N LYS A 8 0.11 6.83 -2.76
CA LYS A 8 -0.55 7.74 -1.79
C LYS A 8 -1.76 7.05 -1.14
N GLN A 9 -2.40 6.17 -1.86
CA GLN A 9 -3.60 5.49 -1.29
C GLN A 9 -3.16 4.26 -0.47
N CYS A 10 -2.16 3.56 -0.94
CA CYS A 10 -1.70 2.35 -0.19
C CYS A 10 -0.77 2.80 0.95
N TYR A 11 -0.47 4.06 1.04
CA TYR A 11 0.41 4.56 2.12
C TYR A 11 -0.34 4.50 3.45
N PRO A 12 -1.51 5.10 3.47
CA PRO A 12 -2.37 5.10 4.66
C PRO A 12 -3.05 3.74 4.85
N HIS A 13 -3.56 3.16 3.79
CA HIS A 13 -4.21 1.82 3.92
C HIS A 13 -3.23 0.85 4.57
N CYS A 14 -1.97 0.96 4.25
CA CYS A 14 -0.97 0.04 4.85
C CYS A 14 -0.51 0.58 6.21
N LYS A 15 -0.58 1.87 6.39
CA LYS A 15 -0.15 2.47 7.69
C LYS A 15 -0.77 1.68 8.84
N LYS A 16 -1.90 1.07 8.61
CA LYS A 16 -2.56 0.28 9.70
C LYS A 16 -2.37 -1.22 9.45
N GLU A 17 -2.22 -1.60 8.22
CA GLU A 17 -2.03 -3.04 7.91
C GLU A 17 -0.78 -3.55 8.62
N THR A 18 0.32 -2.87 8.45
CA THR A 18 1.58 -3.32 9.12
C THR A 18 2.27 -2.11 9.76
N GLY A 19 1.51 -1.25 10.37
CA GLY A 19 2.12 -0.05 11.01
C GLY A 19 2.70 0.86 9.94
N TYR A 20 3.92 0.62 9.54
CA TYR A 20 4.55 1.48 8.50
C TYR A 20 3.61 1.61 7.30
N PRO A 21 3.50 2.81 6.79
CA PRO A 21 2.64 3.09 5.62
C PRO A 21 3.35 2.66 4.33
N ASN A 22 4.59 2.26 4.43
CA ASN A 22 5.33 1.82 3.22
C ASN A 22 4.45 0.91 2.37
N ALA A 23 4.07 1.34 1.20
CA ALA A 23 3.22 0.49 0.33
C ALA A 23 3.60 0.71 -1.14
N LYS A 24 3.26 -0.21 -1.99
CA LYS A 24 3.61 -0.05 -3.44
C LYS A 24 2.53 -0.70 -4.30
N CYS A 25 2.18 -0.06 -5.39
CA CYS A 25 1.15 -0.64 -6.29
C CYS A 25 1.81 -1.15 -7.57
N MET A 26 1.58 -2.38 -7.93
CA MET A 26 2.22 -2.93 -9.16
C MET A 26 1.15 -3.54 -10.08
N ASN A 27 1.13 -3.13 -11.31
CA ASN A 27 0.12 -3.69 -12.27
C ASN A 27 -1.23 -3.87 -11.57
N ARG A 28 -1.72 -2.85 -10.95
CA ARG A 28 -3.03 -2.96 -10.24
C ARG A 28 -2.94 -3.98 -9.11
N LYS A 29 -1.90 -3.92 -8.32
CA LYS A 29 -1.76 -4.89 -7.20
C LYS A 29 -1.08 -4.21 -6.01
N CYS A 30 -1.86 -3.65 -5.13
CA CYS A 30 -1.27 -2.97 -3.94
C CYS A 30 -0.48 -3.99 -3.11
N LYS A 31 0.50 -3.54 -2.37
CA LYS A 31 1.29 -4.49 -1.54
C LYS A 31 1.93 -3.73 -0.38
N CYS A 32 1.40 -3.92 0.81
CA CYS A 32 1.98 -3.21 1.99
C CYS A 32 3.43 -3.66 2.20
N PHE A 33 4.16 -2.95 3.01
CA PHE A 33 5.58 -3.34 3.27
C PHE A 33 6.01 -2.83 4.65
N GLY A 34 5.64 -3.54 5.69
CA GLY A 34 6.02 -3.11 7.05
C GLY A 34 7.54 -2.94 7.13
N ARG A 35 8.27 -3.76 6.44
CA ARG A 35 9.74 -3.66 6.46
C ARG A 35 10.32 -3.99 5.07
N THR A 1 -3.90 -5.28 -0.05
CA THR A 1 -4.40 -6.05 -1.23
C THR A 1 -5.32 -5.16 -2.07
N ILE A 2 -5.68 -4.02 -1.55
CA ILE A 2 -6.57 -3.09 -2.31
C ILE A 2 -5.92 -2.76 -3.66
N SER A 3 -6.64 -2.11 -4.54
CA SER A 3 -6.05 -1.76 -5.86
C SER A 3 -5.90 -0.25 -5.97
N CYS A 4 -4.75 0.21 -6.37
CA CYS A 4 -4.54 1.68 -6.48
C CYS A 4 -3.56 1.98 -7.63
N THR A 5 -3.34 3.23 -7.92
CA THR A 5 -2.39 3.58 -9.01
C THR A 5 -1.32 4.54 -8.46
N ASN A 6 -1.43 4.90 -7.21
CA ASN A 6 -0.42 5.81 -6.61
C ASN A 6 -0.06 5.32 -5.21
N PRO A 7 1.06 5.81 -4.71
CA PRO A 7 1.55 5.43 -3.37
C PRO A 7 0.82 6.23 -2.29
N LYS A 8 0.39 7.41 -2.61
CA LYS A 8 -0.34 8.25 -1.60
C LYS A 8 -1.58 7.51 -1.08
N GLN A 9 -2.10 6.58 -1.83
CA GLN A 9 -3.31 5.84 -1.37
C GLN A 9 -2.90 4.62 -0.56
N CYS A 10 -1.92 3.89 -1.01
CA CYS A 10 -1.47 2.68 -0.26
C CYS A 10 -0.57 3.11 0.90
N TYR A 11 -0.25 4.36 0.99
CA TYR A 11 0.61 4.84 2.09
C TYR A 11 -0.18 4.78 3.40
N PRO A 12 -1.33 5.40 3.41
CA PRO A 12 -2.21 5.41 4.58
C PRO A 12 -2.92 4.06 4.76
N HIS A 13 -3.40 3.48 3.69
CA HIS A 13 -4.08 2.16 3.81
C HIS A 13 -3.15 1.17 4.49
N CYS A 14 -1.91 1.12 4.07
CA CYS A 14 -0.95 0.17 4.69
C CYS A 14 -0.65 0.60 6.13
N LYS A 15 -0.61 1.88 6.38
CA LYS A 15 -0.32 2.37 7.75
C LYS A 15 -1.23 1.66 8.77
N LYS A 16 -2.33 1.13 8.32
CA LYS A 16 -3.25 0.43 9.27
C LYS A 16 -3.21 -1.08 9.03
N GLU A 17 -2.91 -1.49 7.83
CA GLU A 17 -2.86 -2.95 7.54
C GLU A 17 -1.60 -3.56 8.17
N THR A 18 -0.45 -3.10 7.77
CA THR A 18 0.81 -3.65 8.34
C THR A 18 1.46 -2.62 9.26
N GLY A 19 0.79 -1.52 9.50
CA GLY A 19 1.36 -0.49 10.39
C GLY A 19 2.25 0.46 9.57
N TYR A 20 3.22 -0.06 8.88
CA TYR A 20 4.11 0.80 8.07
C TYR A 20 3.32 1.39 6.89
N PRO A 21 3.54 2.66 6.63
CA PRO A 21 2.85 3.38 5.54
C PRO A 21 3.49 3.04 4.19
N ASN A 22 4.78 2.87 4.16
CA ASN A 22 5.47 2.55 2.88
C ASN A 22 4.66 1.51 2.10
N ALA A 23 4.51 1.70 0.82
CA ALA A 23 3.72 0.74 0.00
C ALA A 23 3.59 1.27 -1.42
N LYS A 24 3.27 0.41 -2.36
CA LYS A 24 3.13 0.89 -3.77
C LYS A 24 2.03 0.08 -4.47
N CYS A 25 1.83 0.32 -5.74
CA CYS A 25 0.77 -0.42 -6.50
C CYS A 25 1.39 -0.97 -7.78
N MET A 26 1.23 -2.24 -8.04
CA MET A 26 1.82 -2.82 -9.28
C MET A 26 0.74 -3.62 -10.02
N ASN A 27 0.61 -3.40 -11.31
CA ASN A 27 -0.41 -4.13 -12.11
C ASN A 27 -1.71 -4.24 -11.30
N ARG A 28 -2.16 -3.15 -10.74
CA ARG A 28 -3.42 -3.17 -9.94
C ARG A 28 -3.28 -4.13 -8.76
N LYS A 29 -2.17 -4.09 -8.08
CA LYS A 29 -1.96 -4.99 -6.91
C LYS A 29 -1.23 -4.23 -5.81
N CYS A 30 -1.96 -3.57 -4.95
CA CYS A 30 -1.31 -2.79 -3.86
C CYS A 30 -0.56 -3.74 -2.92
N LYS A 31 0.68 -3.44 -2.64
CA LYS A 31 1.48 -4.31 -1.73
C LYS A 31 2.13 -3.45 -0.65
N CYS A 32 1.86 -3.74 0.60
CA CYS A 32 2.47 -2.93 1.69
C CYS A 32 3.88 -3.46 1.98
N PHE A 33 4.70 -2.65 2.59
CA PHE A 33 6.09 -3.11 2.90
C PHE A 33 6.20 -3.40 4.40
N GLY A 34 5.36 -4.26 4.91
CA GLY A 34 5.42 -4.58 6.36
C GLY A 34 6.87 -4.80 6.78
N ARG A 35 7.68 -5.29 5.88
CA ARG A 35 9.12 -5.54 6.23
C ARG A 35 9.78 -6.36 5.12
N THR A 1 -9.02 -7.26 -1.65
CA THR A 1 -7.96 -6.67 -2.54
C THR A 1 -8.31 -5.22 -2.85
N ILE A 2 -7.44 -4.53 -3.53
CA ILE A 2 -7.74 -3.10 -3.88
C ILE A 2 -6.98 -2.71 -5.14
N SER A 3 -7.38 -1.63 -5.77
CA SER A 3 -6.69 -1.17 -7.00
C SER A 3 -6.04 0.19 -6.73
N CYS A 4 -4.86 0.42 -7.23
CA CYS A 4 -4.20 1.73 -6.98
C CYS A 4 -3.07 1.97 -7.98
N THR A 5 -2.98 3.17 -8.48
CA THR A 5 -1.90 3.50 -9.44
C THR A 5 -0.91 4.45 -8.76
N ASN A 6 -1.20 4.84 -7.55
CA ASN A 6 -0.31 5.77 -6.80
C ASN A 6 -0.06 5.21 -5.40
N PRO A 7 0.98 5.69 -4.77
CA PRO A 7 1.35 5.25 -3.41
C PRO A 7 0.45 5.91 -2.36
N LYS A 8 -0.04 7.08 -2.63
CA LYS A 8 -0.93 7.77 -1.64
C LYS A 8 -2.07 6.85 -1.21
N GLN A 9 -2.44 5.90 -2.02
CA GLN A 9 -3.55 4.98 -1.65
C GLN A 9 -3.03 3.88 -0.72
N CYS A 10 -1.93 3.29 -1.05
CA CYS A 10 -1.37 2.21 -0.17
C CYS A 10 -0.66 2.84 1.02
N TYR A 11 -0.54 4.15 1.04
CA TYR A 11 0.14 4.82 2.18
C TYR A 11 -0.72 4.66 3.43
N PRO A 12 -1.96 5.07 3.32
CA PRO A 12 -2.93 4.96 4.43
C PRO A 12 -3.40 3.51 4.60
N HIS A 13 -3.69 2.83 3.52
CA HIS A 13 -4.15 1.42 3.64
C HIS A 13 -3.07 0.58 4.34
N CYS A 14 -1.82 0.88 4.08
CA CYS A 14 -0.73 0.10 4.73
C CYS A 14 -0.44 0.67 6.12
N LYS A 15 -0.67 1.94 6.31
CA LYS A 15 -0.41 2.55 7.65
C LYS A 15 -1.15 1.78 8.73
N LYS A 16 -2.22 1.12 8.39
CA LYS A 16 -2.98 0.35 9.43
C LYS A 16 -2.77 -1.15 9.22
N GLU A 17 -2.52 -1.57 8.01
CA GLU A 17 -2.31 -3.02 7.75
C GLU A 17 -1.10 -3.51 8.54
N THR A 18 0.02 -2.85 8.42
CA THR A 18 1.23 -3.29 9.16
C THR A 18 1.86 -2.09 9.87
N GLY A 19 1.17 -0.99 9.94
CA GLY A 19 1.73 0.21 10.60
C GLY A 19 2.58 1.00 9.61
N TYR A 20 3.51 0.36 8.97
CA TYR A 20 4.37 1.08 7.99
C TYR A 20 3.48 1.66 6.88
N PRO A 21 3.58 2.95 6.67
CA PRO A 21 2.79 3.64 5.65
C PRO A 21 3.41 3.43 4.26
N ASN A 22 4.70 3.28 4.20
CA ASN A 22 5.35 3.06 2.87
C ASN A 22 4.69 1.89 2.15
N ALA A 23 4.42 2.05 0.87
CA ALA A 23 3.76 0.94 0.12
C ALA A 23 3.89 1.22 -1.38
N LYS A 24 3.86 0.20 -2.19
CA LYS A 24 3.99 0.40 -3.67
C LYS A 24 2.77 -0.20 -4.37
N CYS A 25 2.43 0.31 -5.53
CA CYS A 25 1.26 -0.25 -6.27
C CYS A 25 1.75 -1.11 -7.43
N MET A 26 1.60 -2.41 -7.33
CA MET A 26 2.07 -3.30 -8.42
C MET A 26 0.85 -3.93 -9.11
N ASN A 27 0.81 -3.92 -10.41
CA ASN A 27 -0.34 -4.52 -11.15
C ASN A 27 -1.64 -4.16 -10.42
N ARG A 28 -1.79 -2.94 -10.01
CA ARG A 28 -3.03 -2.52 -9.30
C ARG A 28 -3.18 -3.35 -8.03
N LYS A 29 -2.13 -3.46 -7.26
CA LYS A 29 -2.20 -4.26 -6.00
C LYS A 29 -1.30 -3.61 -4.95
N CYS A 30 -1.87 -3.00 -3.95
CA CYS A 30 -1.03 -2.34 -2.90
C CYS A 30 0.08 -3.29 -2.47
N LYS A 31 1.20 -2.76 -2.08
CA LYS A 31 2.33 -3.63 -1.64
C LYS A 31 2.95 -3.05 -0.37
N CYS A 32 2.27 -3.16 0.74
CA CYS A 32 2.83 -2.62 2.00
C CYS A 32 4.29 -3.04 2.15
N PHE A 33 5.10 -2.25 2.80
CA PHE A 33 6.52 -2.62 2.97
C PHE A 33 6.73 -3.28 4.34
N GLY A 34 5.84 -4.16 4.72
CA GLY A 34 5.98 -4.84 6.04
C GLY A 34 7.37 -5.46 6.14
N ARG A 35 7.87 -5.99 5.05
CA ARG A 35 9.21 -6.62 5.08
C ARG A 35 10.16 -5.84 4.17
N THR A 1 -6.25 -7.68 -2.96
CA THR A 1 -5.57 -6.36 -3.11
C THR A 1 -6.58 -5.33 -3.60
N ILE A 2 -6.37 -4.09 -3.30
CA ILE A 2 -7.32 -3.03 -3.75
C ILE A 2 -6.80 -2.39 -5.03
N SER A 3 -7.63 -1.64 -5.70
CA SER A 3 -7.19 -0.98 -6.96
C SER A 3 -6.55 0.36 -6.61
N CYS A 4 -5.28 0.52 -6.87
CA CYS A 4 -4.62 1.80 -6.53
C CYS A 4 -3.82 2.33 -7.73
N THR A 5 -4.10 3.54 -8.15
CA THR A 5 -3.33 4.13 -9.28
C THR A 5 -2.18 4.95 -8.73
N ASN A 6 -2.24 5.28 -7.47
CA ASN A 6 -1.16 6.08 -6.84
C ASN A 6 -0.82 5.46 -5.48
N PRO A 7 0.34 5.80 -4.96
CA PRO A 7 0.81 5.29 -3.67
C PRO A 7 0.13 6.04 -2.51
N LYS A 8 -0.24 7.27 -2.72
CA LYS A 8 -0.89 8.05 -1.64
C LYS A 8 -2.06 7.25 -1.04
N GLN A 9 -2.63 6.36 -1.80
CA GLN A 9 -3.77 5.55 -1.27
C GLN A 9 -3.22 4.33 -0.52
N CYS A 10 -2.18 3.73 -1.03
CA CYS A 10 -1.60 2.55 -0.36
C CYS A 10 -0.71 3.01 0.80
N TYR A 11 -0.53 4.30 0.94
CA TYR A 11 0.32 4.82 2.04
C TYR A 11 -0.44 4.67 3.37
N PRO A 12 -1.64 5.18 3.42
CA PRO A 12 -2.49 5.09 4.61
C PRO A 12 -3.06 3.67 4.78
N HIS A 13 -3.51 3.07 3.72
CA HIS A 13 -4.07 1.70 3.82
C HIS A 13 -3.00 0.78 4.44
N CYS A 14 -1.80 0.86 3.96
CA CYS A 14 -0.72 0.00 4.52
C CYS A 14 -0.40 0.45 5.95
N LYS A 15 -0.53 1.72 6.21
CA LYS A 15 -0.24 2.23 7.58
C LYS A 15 -1.24 1.63 8.58
N LYS A 16 -2.43 1.37 8.14
CA LYS A 16 -3.46 0.80 9.06
C LYS A 16 -3.40 -0.73 9.00
N GLU A 17 -2.30 -1.27 8.56
CA GLU A 17 -2.18 -2.75 8.48
C GLU A 17 -0.90 -3.21 9.17
N THR A 18 0.24 -2.82 8.64
CA THR A 18 1.53 -3.23 9.28
C THR A 18 2.17 -2.01 9.96
N GLY A 19 1.47 -0.92 10.01
CA GLY A 19 2.04 0.29 10.66
C GLY A 19 2.85 1.09 9.64
N TYR A 20 3.92 0.55 9.15
CA TYR A 20 4.75 1.29 8.16
C TYR A 20 3.88 1.68 6.95
N PRO A 21 3.89 2.95 6.63
CA PRO A 21 3.10 3.48 5.50
C PRO A 21 3.80 3.17 4.16
N ASN A 22 5.04 2.79 4.21
CA ASN A 22 5.77 2.48 2.94
C ASN A 22 5.07 1.32 2.21
N ALA A 23 4.76 1.51 0.95
CA ALA A 23 4.07 0.43 0.19
C ALA A 23 4.28 0.68 -1.31
N LYS A 24 3.61 -0.08 -2.15
CA LYS A 24 3.76 0.12 -3.60
C LYS A 24 2.52 -0.40 -4.33
N CYS A 25 2.41 -0.14 -5.60
CA CYS A 25 1.24 -0.63 -6.37
C CYS A 25 1.72 -1.32 -7.65
N MET A 26 1.87 -2.62 -7.60
CA MET A 26 2.36 -3.35 -8.81
C MET A 26 1.18 -3.77 -9.69
N ASN A 27 1.13 -3.27 -10.90
CA ASN A 27 0.03 -3.64 -11.84
C ASN A 27 -1.29 -3.74 -11.08
N ARG A 28 -1.68 -2.70 -10.39
CA ARG A 28 -2.96 -2.74 -9.65
C ARG A 28 -2.87 -3.73 -8.48
N LYS A 29 -1.75 -3.76 -7.80
CA LYS A 29 -1.61 -4.71 -6.66
C LYS A 29 -1.02 -3.97 -5.45
N CYS A 30 -1.86 -3.54 -4.55
CA CYS A 30 -1.36 -2.81 -3.35
C CYS A 30 -0.58 -3.78 -2.45
N LYS A 31 0.70 -3.60 -2.34
CA LYS A 31 1.52 -4.51 -1.48
C LYS A 31 2.20 -3.69 -0.39
N CYS A 32 1.94 -4.02 0.85
CA CYS A 32 2.58 -3.26 1.97
C CYS A 32 3.98 -3.80 2.22
N PHE A 33 4.78 -3.07 2.95
CA PHE A 33 6.17 -3.54 3.23
C PHE A 33 6.39 -3.60 4.74
N GLY A 34 5.62 -4.39 5.44
CA GLY A 34 5.77 -4.48 6.91
C GLY A 34 7.25 -4.72 7.24
N ARG A 35 7.94 -5.50 6.45
CA ARG A 35 9.37 -5.77 6.73
C ARG A 35 9.88 -6.83 5.74
N THR A 1 -7.12 -8.18 -2.16
CA THR A 1 -6.30 -7.19 -2.92
C THR A 1 -7.06 -5.87 -3.00
N ILE A 2 -6.48 -4.88 -3.63
CA ILE A 2 -7.17 -3.57 -3.74
C ILE A 2 -6.90 -2.96 -5.11
N SER A 3 -7.77 -2.08 -5.55
CA SER A 3 -7.56 -1.42 -6.88
C SER A 3 -6.80 -0.12 -6.66
N CYS A 4 -5.51 -0.19 -6.47
CA CYS A 4 -4.73 1.04 -6.23
C CYS A 4 -4.00 1.47 -7.51
N THR A 5 -4.03 2.74 -7.81
CA THR A 5 -3.34 3.25 -9.02
C THR A 5 -2.25 4.23 -8.57
N ASN A 6 -2.02 4.31 -7.28
CA ASN A 6 -0.98 5.24 -6.76
C ASN A 6 -0.63 4.81 -5.33
N PRO A 7 0.48 5.30 -4.85
CA PRO A 7 0.95 4.98 -3.48
C PRO A 7 0.17 5.77 -2.44
N LYS A 8 -0.33 6.91 -2.83
CA LYS A 8 -1.12 7.75 -1.87
C LYS A 8 -2.21 6.92 -1.19
N GLN A 9 -2.75 5.94 -1.88
CA GLN A 9 -3.82 5.12 -1.27
C GLN A 9 -3.20 4.03 -0.38
N CYS A 10 -2.09 3.48 -0.78
CA CYS A 10 -1.45 2.43 0.04
C CYS A 10 -0.64 3.10 1.16
N TYR A 11 -0.57 4.40 1.15
CA TYR A 11 0.18 5.09 2.23
C TYR A 11 -0.54 4.84 3.56
N PRO A 12 -1.81 5.19 3.60
CA PRO A 12 -2.64 4.97 4.79
C PRO A 12 -3.02 3.49 4.95
N HIS A 13 -3.39 2.83 3.87
CA HIS A 13 -3.77 1.39 3.96
C HIS A 13 -2.64 0.62 4.66
N CYS A 14 -1.42 0.94 4.36
CA CYS A 14 -0.28 0.22 5.00
C CYS A 14 -0.05 0.78 6.40
N LYS A 15 -0.31 2.05 6.60
CA LYS A 15 -0.10 2.65 7.95
C LYS A 15 -0.88 1.86 9.01
N LYS A 16 -2.00 1.29 8.64
CA LYS A 16 -2.79 0.51 9.62
C LYS A 16 -2.51 -0.98 9.47
N GLU A 17 -1.92 -1.38 8.38
CA GLU A 17 -1.64 -2.82 8.18
C GLU A 17 -0.46 -3.24 9.06
N THR A 18 0.68 -2.67 8.85
CA THR A 18 1.87 -3.03 9.67
C THR A 18 2.46 -1.77 10.32
N GLY A 19 1.71 -0.71 10.34
CA GLY A 19 2.22 0.56 10.95
C GLY A 19 3.15 1.26 9.96
N TYR A 20 3.46 0.63 8.85
CA TYR A 20 4.36 1.28 7.86
C TYR A 20 3.51 1.95 6.78
N PRO A 21 3.66 3.24 6.64
CA PRO A 21 2.91 4.02 5.64
C PRO A 21 3.53 3.83 4.26
N ASN A 22 4.82 3.61 4.20
CA ASN A 22 5.49 3.41 2.88
C ASN A 22 4.85 2.22 2.17
N ALA A 23 4.77 2.28 0.86
CA ALA A 23 4.15 1.15 0.11
C ALA A 23 4.28 1.43 -1.40
N LYS A 24 4.18 0.41 -2.21
CA LYS A 24 4.28 0.62 -3.68
C LYS A 24 3.18 -0.14 -4.40
N CYS A 25 2.70 0.38 -5.49
CA CYS A 25 1.63 -0.32 -6.26
C CYS A 25 2.17 -0.72 -7.63
N MET A 26 1.95 -1.94 -8.04
CA MET A 26 2.46 -2.38 -9.37
C MET A 26 1.39 -3.21 -10.08
N ASN A 27 1.33 -3.10 -11.39
CA ASN A 27 0.32 -3.88 -12.16
C ASN A 27 -1.03 -3.89 -11.42
N ARG A 28 -1.57 -2.74 -11.14
CA ARG A 28 -2.88 -2.69 -10.43
C ARG A 28 -2.80 -3.52 -9.15
N LYS A 29 -1.72 -3.43 -8.44
CA LYS A 29 -1.59 -4.24 -7.19
C LYS A 29 -0.95 -3.37 -6.09
N CYS A 30 -1.13 -3.75 -4.86
CA CYS A 30 -0.54 -2.95 -3.75
C CYS A 30 0.24 -3.87 -2.80
N LYS A 31 1.30 -3.37 -2.23
CA LYS A 31 2.10 -4.22 -1.30
C LYS A 31 2.89 -3.32 -0.33
N CYS A 32 2.69 -3.49 0.94
CA CYS A 32 3.42 -2.64 1.92
C CYS A 32 4.84 -3.19 2.11
N PHE A 33 5.71 -2.43 2.71
CA PHE A 33 7.10 -2.92 2.93
C PHE A 33 7.19 -3.67 4.25
N GLY A 34 6.26 -4.56 4.50
CA GLY A 34 6.29 -5.32 5.78
C GLY A 34 4.85 -5.61 6.24
N ARG A 35 4.10 -6.32 5.44
CA ARG A 35 2.69 -6.63 5.81
C ARG A 35 2.63 -7.02 7.31
N THR A 1 -7.62 -7.86 -4.91
CA THR A 1 -6.71 -6.88 -4.25
C THR A 1 -7.39 -5.51 -4.19
N ILE A 2 -6.63 -4.46 -4.34
CA ILE A 2 -7.25 -3.10 -4.29
C ILE A 2 -6.97 -2.35 -5.60
N SER A 3 -7.51 -1.17 -5.74
CA SER A 3 -7.26 -0.40 -7.00
C SER A 3 -6.49 0.87 -6.63
N CYS A 4 -5.29 1.01 -7.13
CA CYS A 4 -4.50 2.22 -6.79
C CYS A 4 -3.44 2.51 -7.87
N THR A 5 -3.59 3.60 -8.57
CA THR A 5 -2.58 3.96 -9.61
C THR A 5 -1.43 4.69 -8.93
N ASN A 6 -1.66 5.16 -7.73
CA ASN A 6 -0.59 5.89 -6.99
C ASN A 6 -0.37 5.22 -5.63
N PRO A 7 0.66 5.65 -4.94
CA PRO A 7 1.01 5.10 -3.62
C PRO A 7 0.09 5.68 -2.52
N LYS A 8 -0.40 6.87 -2.73
CA LYS A 8 -1.29 7.48 -1.70
C LYS A 8 -2.31 6.46 -1.21
N GLN A 9 -2.63 5.50 -2.03
CA GLN A 9 -3.63 4.47 -1.60
C GLN A 9 -2.97 3.49 -0.62
N CYS A 10 -1.78 3.06 -0.92
CA CYS A 10 -1.08 2.11 0.00
C CYS A 10 -0.51 2.87 1.18
N TYR A 11 -0.54 4.18 1.15
CA TYR A 11 0.02 4.95 2.29
C TYR A 11 -0.82 4.69 3.55
N PRO A 12 -2.10 4.94 3.45
CA PRO A 12 -3.03 4.71 4.57
C PRO A 12 -3.35 3.22 4.73
N HIS A 13 -3.59 2.54 3.65
CA HIS A 13 -3.91 1.08 3.74
C HIS A 13 -2.76 0.35 4.45
N CYS A 14 -1.54 0.64 4.10
CA CYS A 14 -0.40 -0.06 4.76
C CYS A 14 -0.18 0.51 6.16
N LYS A 15 -0.48 1.76 6.36
CA LYS A 15 -0.29 2.37 7.71
C LYS A 15 -1.13 1.59 8.73
N LYS A 16 -2.07 0.80 8.27
CA LYS A 16 -2.91 0.02 9.21
C LYS A 16 -2.47 -1.44 9.22
N GLU A 17 -1.85 -1.88 8.16
CA GLU A 17 -1.39 -3.30 8.11
C GLU A 17 -0.15 -3.48 8.98
N THR A 18 0.79 -2.59 8.89
CA THR A 18 2.02 -2.73 9.72
C THR A 18 2.37 -1.38 10.35
N GLY A 19 1.54 -0.38 10.15
CA GLY A 19 1.81 0.95 10.75
C GLY A 19 2.67 1.78 9.80
N TYR A 20 3.42 1.14 8.94
CA TYR A 20 4.28 1.90 7.99
C TYR A 20 3.48 2.15 6.70
N PRO A 21 3.35 3.41 6.33
CA PRO A 21 2.61 3.80 5.11
C PRO A 21 3.47 3.54 3.87
N ASN A 22 4.75 3.41 4.04
CA ASN A 22 5.64 3.16 2.86
C ASN A 22 5.17 1.91 2.13
N ALA A 23 4.83 2.03 0.88
CA ALA A 23 4.36 0.84 0.11
C ALA A 23 4.39 1.17 -1.39
N LYS A 24 4.01 0.24 -2.22
CA LYS A 24 4.02 0.49 -3.69
C LYS A 24 2.79 -0.15 -4.34
N CYS A 25 2.36 0.39 -5.44
CA CYS A 25 1.17 -0.20 -6.14
C CYS A 25 1.63 -0.83 -7.46
N MET A 26 1.00 -1.91 -7.86
CA MET A 26 1.42 -2.57 -9.13
C MET A 26 0.21 -3.10 -9.88
N ASN A 27 -0.30 -2.34 -10.82
CA ASN A 27 -1.48 -2.79 -11.60
C ASN A 27 -2.48 -3.53 -10.69
N ARG A 28 -2.87 -2.90 -9.62
CA ARG A 28 -3.85 -3.53 -8.68
C ARG A 28 -3.13 -4.49 -7.71
N LYS A 29 -1.91 -4.22 -7.37
CA LYS A 29 -1.19 -5.12 -6.42
C LYS A 29 -0.46 -4.26 -5.39
N CYS A 30 -1.05 -4.05 -4.25
CA CYS A 30 -0.39 -3.21 -3.20
C CYS A 30 0.58 -4.07 -2.40
N LYS A 31 1.64 -3.48 -1.92
CA LYS A 31 2.63 -4.26 -1.11
C LYS A 31 3.28 -3.33 -0.09
N CYS A 32 3.03 -3.56 1.18
CA CYS A 32 3.63 -2.68 2.22
C CYS A 32 5.10 -3.06 2.42
N PHE A 33 5.88 -2.18 3.01
CA PHE A 33 7.32 -2.48 3.23
C PHE A 33 7.51 -3.06 4.65
N GLY A 34 6.72 -4.03 5.03
CA GLY A 34 6.86 -4.62 6.38
C GLY A 34 5.84 -5.73 6.57
N ARG A 35 4.67 -5.41 7.07
CA ARG A 35 3.63 -6.45 7.26
C ARG A 35 4.16 -7.54 8.20
N THR A 1 -7.96 -8.38 -4.77
CA THR A 1 -6.92 -7.45 -4.25
C THR A 1 -7.48 -6.03 -4.20
N ILE A 2 -6.65 -5.07 -3.89
CA ILE A 2 -7.14 -3.66 -3.82
C ILE A 2 -6.75 -2.93 -5.11
N SER A 3 -7.21 -1.72 -5.26
CA SER A 3 -6.87 -0.93 -6.48
C SER A 3 -6.29 0.42 -6.06
N CYS A 4 -5.34 0.93 -6.79
CA CYS A 4 -4.75 2.25 -6.40
C CYS A 4 -3.97 2.84 -7.57
N THR A 5 -3.18 2.04 -8.21
CA THR A 5 -2.36 2.56 -9.34
C THR A 5 -1.46 3.68 -8.83
N ASN A 6 -1.29 3.74 -7.54
CA ASN A 6 -0.42 4.81 -6.94
C ASN A 6 -0.25 4.51 -5.45
N PRO A 7 0.75 5.11 -4.86
CA PRO A 7 1.06 4.91 -3.43
C PRO A 7 0.09 5.70 -2.54
N LYS A 8 -0.44 6.78 -3.03
CA LYS A 8 -1.39 7.58 -2.21
C LYS A 8 -2.44 6.67 -1.58
N GLN A 9 -2.67 5.52 -2.16
CA GLN A 9 -3.70 4.59 -1.58
C GLN A 9 -3.01 3.54 -0.71
N CYS A 10 -1.82 3.15 -1.07
CA CYS A 10 -1.09 2.13 -0.26
C CYS A 10 -0.47 2.81 0.95
N TYR A 11 -0.56 4.11 1.03
CA TYR A 11 0.03 4.85 2.18
C TYR A 11 -0.80 4.53 3.43
N PRO A 12 -2.08 4.77 3.35
CA PRO A 12 -3.01 4.49 4.46
C PRO A 12 -3.28 2.98 4.59
N HIS A 13 -3.52 2.30 3.50
CA HIS A 13 -3.78 0.84 3.58
C HIS A 13 -2.62 0.16 4.31
N CYS A 14 -1.42 0.63 4.11
CA CYS A 14 -0.24 0.01 4.78
C CYS A 14 -0.11 0.57 6.21
N LYS A 15 -0.47 1.81 6.40
CA LYS A 15 -0.36 2.41 7.76
C LYS A 15 -1.28 1.70 8.74
N LYS A 16 -2.39 1.18 8.29
CA LYS A 16 -3.32 0.47 9.20
C LYS A 16 -3.04 -1.03 9.18
N GLU A 17 -1.92 -1.42 8.64
CA GLU A 17 -1.57 -2.87 8.60
C GLU A 17 -0.24 -3.10 9.31
N THR A 18 0.82 -2.54 8.80
CA THR A 18 2.14 -2.72 9.45
C THR A 18 2.62 -1.38 10.00
N GLY A 19 1.73 -0.46 10.21
CA GLY A 19 2.13 0.87 10.75
C GLY A 19 3.13 1.53 9.80
N TYR A 20 3.24 1.04 8.60
CA TYR A 20 4.20 1.63 7.63
C TYR A 20 3.44 2.22 6.43
N PRO A 21 3.48 3.52 6.31
CA PRO A 21 2.81 4.23 5.20
C PRO A 21 3.63 4.12 3.92
N ASN A 22 4.92 3.92 4.05
CA ASN A 22 5.78 3.82 2.84
C ASN A 22 5.51 2.49 2.13
N ALA A 23 4.88 2.53 0.99
CA ALA A 23 4.58 1.27 0.25
C ALA A 23 4.55 1.57 -1.26
N LYS A 24 4.07 0.63 -2.03
CA LYS A 24 4.01 0.86 -3.51
C LYS A 24 2.77 0.17 -4.09
N CYS A 25 2.36 0.56 -5.26
CA CYS A 25 1.16 -0.08 -5.88
C CYS A 25 1.57 -0.69 -7.22
N MET A 26 1.79 -1.98 -7.26
CA MET A 26 2.19 -2.62 -8.54
C MET A 26 0.94 -3.05 -9.31
N ASN A 27 0.60 -2.32 -10.35
CA ASN A 27 -0.59 -2.66 -11.16
C ASN A 27 -1.73 -3.16 -10.26
N ARG A 28 -2.32 -2.27 -9.51
CA ARG A 28 -3.44 -2.68 -8.61
C ARG A 28 -2.94 -3.73 -7.61
N LYS A 29 -1.68 -3.68 -7.26
CA LYS A 29 -1.15 -4.67 -6.28
C LYS A 29 -0.57 -3.93 -5.07
N CYS A 30 -1.39 -3.55 -4.14
CA CYS A 30 -0.88 -2.82 -2.94
C CYS A 30 0.10 -3.72 -2.18
N LYS A 31 1.36 -3.35 -2.15
CA LYS A 31 2.36 -4.17 -1.43
C LYS A 31 3.16 -3.26 -0.48
N CYS A 32 3.02 -3.47 0.81
CA CYS A 32 3.77 -2.61 1.78
C CYS A 32 5.15 -3.21 2.04
N PHE A 33 6.02 -2.47 2.65
CA PHE A 33 7.39 -2.99 2.94
C PHE A 33 7.38 -3.74 4.27
N GLY A 34 6.40 -4.57 4.49
CA GLY A 34 6.33 -5.33 5.76
C GLY A 34 5.04 -6.16 5.79
N ARG A 35 3.91 -5.52 5.66
CA ARG A 35 2.63 -6.27 5.67
C ARG A 35 2.52 -7.08 6.97
N THR A 1 -8.90 -7.35 -3.07
CA THR A 1 -7.77 -6.39 -3.20
C THR A 1 -8.33 -5.00 -3.53
N ILE A 2 -7.49 -4.02 -3.66
CA ILE A 2 -7.97 -2.65 -3.97
C ILE A 2 -7.36 -2.19 -5.30
N SER A 3 -8.00 -1.27 -5.97
CA SER A 3 -7.45 -0.77 -7.25
C SER A 3 -6.60 0.47 -6.98
N CYS A 4 -5.40 0.29 -6.52
CA CYS A 4 -4.54 1.46 -6.21
C CYS A 4 -3.60 1.76 -7.38
N THR A 5 -3.63 2.97 -7.88
CA THR A 5 -2.73 3.34 -9.00
C THR A 5 -1.61 4.24 -8.46
N ASN A 6 -1.67 4.56 -7.19
CA ASN A 6 -0.63 5.42 -6.59
C ASN A 6 -0.36 4.96 -5.16
N PRO A 7 0.77 5.35 -4.64
CA PRO A 7 1.19 4.98 -3.27
C PRO A 7 0.45 5.82 -2.22
N LYS A 8 0.05 7.01 -2.58
CA LYS A 8 -0.67 7.89 -1.60
C LYS A 8 -1.85 7.13 -0.99
N GLN A 9 -2.53 6.34 -1.78
CA GLN A 9 -3.69 5.58 -1.24
C GLN A 9 -3.18 4.40 -0.41
N CYS A 10 -2.13 3.78 -0.86
CA CYS A 10 -1.57 2.62 -0.11
C CYS A 10 -0.73 3.14 1.06
N TYR A 11 -0.59 4.43 1.17
CA TYR A 11 0.21 4.99 2.29
C TYR A 11 -0.58 4.83 3.60
N PRO A 12 -1.78 5.33 3.61
CA PRO A 12 -2.67 5.22 4.78
C PRO A 12 -3.23 3.80 4.91
N HIS A 13 -3.65 3.20 3.83
CA HIS A 13 -4.20 1.84 3.90
C HIS A 13 -3.14 0.87 4.46
N CYS A 14 -1.90 1.08 4.10
CA CYS A 14 -0.83 0.18 4.62
C CYS A 14 -0.49 0.56 6.06
N LYS A 15 -0.65 1.81 6.41
CA LYS A 15 -0.33 2.24 7.79
C LYS A 15 -1.06 1.34 8.78
N LYS A 16 -2.11 0.68 8.33
CA LYS A 16 -2.87 -0.23 9.23
C LYS A 16 -2.50 -1.68 8.93
N GLU A 17 -2.03 -1.94 7.74
CA GLU A 17 -1.66 -3.34 7.38
C GLU A 17 -0.34 -3.71 8.06
N THR A 18 0.73 -3.03 7.73
CA THR A 18 2.04 -3.35 8.36
C THR A 18 2.43 -2.22 9.31
N GLY A 19 1.56 -1.28 9.52
CA GLY A 19 1.88 -0.16 10.44
C GLY A 19 2.61 0.93 9.67
N TYR A 20 3.55 0.56 8.83
CA TYR A 20 4.28 1.58 8.04
C TYR A 20 3.43 2.04 6.85
N PRO A 21 3.47 3.30 6.54
CA PRO A 21 2.72 3.88 5.42
C PRO A 21 3.42 3.56 4.10
N ASN A 22 4.71 3.50 4.10
CA ASN A 22 5.45 3.19 2.84
C ASN A 22 4.84 1.96 2.18
N ALA A 23 4.37 2.10 0.97
CA ALA A 23 3.76 0.93 0.28
C ALA A 23 4.05 1.02 -1.22
N LYS A 24 3.80 -0.03 -1.95
CA LYS A 24 4.07 0.01 -3.42
C LYS A 24 2.96 -0.76 -4.15
N CYS A 25 2.38 -0.15 -5.15
CA CYS A 25 1.30 -0.85 -5.90
C CYS A 25 1.92 -1.62 -7.07
N MET A 26 2.05 -2.91 -6.94
CA MET A 26 2.65 -3.72 -8.04
C MET A 26 1.54 -4.20 -8.97
N ASN A 27 1.68 -3.98 -10.25
CA ASN A 27 0.63 -4.43 -11.22
C ASN A 27 -0.76 -4.12 -10.64
N ARG A 28 -1.07 -2.85 -10.49
CA ARG A 28 -2.40 -2.44 -9.94
C ARG A 28 -2.77 -3.34 -8.77
N LYS A 29 -1.81 -3.68 -7.95
CA LYS A 29 -2.10 -4.55 -6.78
C LYS A 29 -1.40 -3.99 -5.54
N CYS A 30 -2.09 -3.22 -4.75
CA CYS A 30 -1.48 -2.63 -3.54
C CYS A 30 -0.68 -3.69 -2.78
N LYS A 31 0.50 -3.35 -2.34
CA LYS A 31 1.33 -4.34 -1.59
C LYS A 31 2.11 -3.60 -0.50
N CYS A 32 1.67 -3.70 0.73
CA CYS A 32 2.38 -3.00 1.83
C CYS A 32 3.80 -3.55 1.98
N PHE A 33 4.62 -2.88 2.76
CA PHE A 33 6.02 -3.36 2.95
C PHE A 33 6.39 -3.28 4.44
N GLY A 34 5.80 -4.12 5.24
CA GLY A 34 6.12 -4.09 6.70
C GLY A 34 7.63 -4.03 6.89
N ARG A 35 8.32 -5.11 6.62
CA ARG A 35 9.80 -5.13 6.78
C ARG A 35 10.44 -4.37 5.61
N THR A 1 -6.01 -6.91 -0.86
CA THR A 1 -5.48 -6.34 -2.13
C THR A 1 -6.13 -4.97 -2.39
N ILE A 2 -5.48 -4.14 -3.14
CA ILE A 2 -6.07 -2.79 -3.43
C ILE A 2 -5.95 -2.50 -4.93
N SER A 3 -6.68 -1.52 -5.39
CA SER A 3 -6.60 -1.15 -6.83
C SER A 3 -6.20 0.32 -6.94
N CYS A 4 -4.93 0.60 -6.81
CA CYS A 4 -4.47 2.01 -6.87
C CYS A 4 -3.37 2.16 -7.91
N THR A 5 -3.25 3.33 -8.48
CA THR A 5 -2.18 3.58 -9.50
C THR A 5 -1.16 4.54 -8.90
N ASN A 6 -1.30 4.85 -7.63
CA ASN A 6 -0.34 5.79 -6.98
C ASN A 6 -0.03 5.25 -5.57
N PRO A 7 0.99 5.80 -4.96
CA PRO A 7 1.41 5.38 -3.62
C PRO A 7 0.51 5.97 -2.53
N LYS A 8 -0.05 7.13 -2.77
CA LYS A 8 -0.95 7.75 -1.75
C LYS A 8 -2.05 6.79 -1.34
N GLN A 9 -2.34 5.81 -2.14
CA GLN A 9 -3.41 4.84 -1.79
C GLN A 9 -2.88 3.75 -0.85
N CYS A 10 -1.77 3.16 -1.19
CA CYS A 10 -1.20 2.08 -0.33
C CYS A 10 -0.46 2.72 0.86
N TYR A 11 -0.34 4.02 0.86
CA TYR A 11 0.35 4.69 1.99
C TYR A 11 -0.51 4.55 3.25
N PRO A 12 -1.74 4.98 3.17
CA PRO A 12 -2.69 4.89 4.29
C PRO A 12 -3.21 3.46 4.47
N HIS A 13 -3.54 2.79 3.40
CA HIS A 13 -4.06 1.39 3.52
C HIS A 13 -3.05 0.54 4.31
N CYS A 14 -1.79 0.71 4.05
CA CYS A 14 -0.77 -0.10 4.78
C CYS A 14 -0.43 0.58 6.12
N LYS A 15 -0.68 1.86 6.21
CA LYS A 15 -0.37 2.58 7.48
C LYS A 15 -1.12 1.94 8.65
N LYS A 16 -2.16 1.19 8.36
CA LYS A 16 -2.93 0.55 9.46
C LYS A 16 -2.81 -0.98 9.35
N GLU A 17 -2.46 -1.47 8.19
CA GLU A 17 -2.35 -2.94 8.01
C GLU A 17 -1.12 -3.46 8.79
N THR A 18 -0.01 -2.81 8.66
CA THR A 18 1.21 -3.27 9.39
C THR A 18 1.86 -2.09 10.12
N GLY A 19 1.16 -0.99 10.22
CA GLY A 19 1.73 0.19 10.92
C GLY A 19 2.60 1.00 9.95
N TYR A 20 3.41 0.33 9.18
CA TYR A 20 4.28 1.06 8.22
C TYR A 20 3.45 1.41 6.97
N PRO A 21 3.35 2.69 6.68
CA PRO A 21 2.60 3.19 5.52
C PRO A 21 3.40 2.96 4.23
N ASN A 22 4.68 2.77 4.35
CA ASN A 22 5.52 2.54 3.13
C ASN A 22 4.89 1.43 2.30
N ALA A 23 4.42 1.74 1.13
CA ALA A 23 3.81 0.69 0.27
C ALA A 23 3.74 1.20 -1.18
N LYS A 24 3.54 0.30 -2.12
CA LYS A 24 3.47 0.72 -3.54
C LYS A 24 2.29 0.01 -4.21
N CYS A 25 1.84 0.50 -5.33
CA CYS A 25 0.70 -0.14 -6.03
C CYS A 25 1.21 -0.83 -7.31
N MET A 26 1.08 -2.12 -7.39
CA MET A 26 1.56 -2.83 -8.60
C MET A 26 0.40 -2.96 -9.61
N ASN A 27 0.52 -3.84 -10.54
CA ASN A 27 -0.56 -4.02 -11.56
C ASN A 27 -1.93 -4.09 -10.87
N ARG A 28 -2.57 -2.97 -10.68
CA ARG A 28 -3.92 -2.98 -10.02
C ARG A 28 -3.84 -3.76 -8.71
N LYS A 29 -2.78 -3.59 -7.97
CA LYS A 29 -2.65 -4.32 -6.68
C LYS A 29 -1.88 -3.47 -5.68
N CYS A 30 -1.75 -3.92 -4.46
CA CYS A 30 -1.00 -3.14 -3.45
C CYS A 30 0.21 -3.93 -2.96
N LYS A 31 1.16 -3.26 -2.35
CA LYS A 31 2.38 -3.98 -1.86
C LYS A 31 2.92 -3.26 -0.63
N CYS A 32 2.34 -3.50 0.52
CA CYS A 32 2.83 -2.82 1.75
C CYS A 32 4.23 -3.31 2.09
N PHE A 33 4.96 -2.57 2.89
CA PHE A 33 6.34 -3.00 3.26
C PHE A 33 6.37 -3.40 4.74
N GLY A 34 5.39 -4.13 5.19
CA GLY A 34 5.37 -4.54 6.63
C GLY A 34 6.68 -5.23 6.97
N ARG A 35 7.41 -5.70 5.99
CA ARG A 35 8.70 -6.38 6.27
C ARG A 35 9.85 -5.45 5.91
N THR A 1 -7.92 -7.28 -5.58
CA THR A 1 -7.38 -6.51 -4.43
C THR A 1 -7.94 -5.10 -4.44
N ILE A 2 -7.16 -4.12 -4.04
CA ILE A 2 -7.66 -2.73 -4.04
C ILE A 2 -7.14 -1.99 -5.27
N SER A 3 -7.75 -0.89 -5.61
CA SER A 3 -7.29 -0.10 -6.78
C SER A 3 -6.51 1.11 -6.28
N CYS A 4 -5.28 1.27 -6.69
CA CYS A 4 -4.49 2.44 -6.20
C CYS A 4 -3.82 3.15 -7.38
N THR A 5 -3.25 2.40 -8.27
CA THR A 5 -2.55 3.04 -9.42
C THR A 5 -1.49 3.98 -8.86
N ASN A 6 -1.11 3.78 -7.63
CA ASN A 6 -0.09 4.66 -6.99
C ASN A 6 0.07 4.26 -5.52
N PRO A 7 1.12 4.71 -4.90
CA PRO A 7 1.40 4.41 -3.48
C PRO A 7 0.51 5.24 -2.56
N LYS A 8 0.10 6.39 -3.00
CA LYS A 8 -0.77 7.26 -2.15
C LYS A 8 -1.92 6.44 -1.55
N GLN A 9 -2.31 5.37 -2.21
CA GLN A 9 -3.43 4.54 -1.67
C GLN A 9 -2.88 3.50 -0.69
N CYS A 10 -1.73 2.94 -0.98
CA CYS A 10 -1.16 1.92 -0.05
C CYS A 10 -0.44 2.63 1.09
N TYR A 11 -0.38 3.93 1.07
CA TYR A 11 0.30 4.66 2.15
C TYR A 11 -0.57 4.59 3.42
N PRO A 12 -1.81 4.98 3.28
CA PRO A 12 -2.79 4.96 4.39
C PRO A 12 -3.29 3.53 4.63
N HIS A 13 -3.58 2.80 3.58
CA HIS A 13 -4.07 1.41 3.75
C HIS A 13 -3.02 0.60 4.52
N CYS A 14 -1.79 0.67 4.11
CA CYS A 14 -0.73 -0.10 4.82
C CYS A 14 -0.46 0.54 6.19
N LYS A 15 -0.69 1.82 6.30
CA LYS A 15 -0.45 2.52 7.60
C LYS A 15 -1.15 1.75 8.72
N LYS A 16 -2.17 0.99 8.40
CA LYS A 16 -2.88 0.22 9.47
C LYS A 16 -2.62 -1.28 9.30
N GLU A 17 -2.21 -1.70 8.13
CA GLU A 17 -1.95 -3.15 7.92
C GLU A 17 -0.71 -3.57 8.71
N THR A 18 0.42 -2.97 8.43
CA THR A 18 1.66 -3.34 9.17
C THR A 18 2.27 -2.08 9.80
N GLY A 19 1.45 -1.14 10.19
CA GLY A 19 1.97 0.10 10.82
C GLY A 19 2.64 0.97 9.76
N TYR A 20 3.89 0.69 9.45
CA TYR A 20 4.59 1.51 8.43
C TYR A 20 3.68 1.74 7.23
N PRO A 21 3.53 2.99 6.84
CA PRO A 21 2.67 3.37 5.70
C PRO A 21 3.39 3.10 4.38
N ASN A 22 4.68 2.94 4.42
CA ASN A 22 5.46 2.68 3.17
C ASN A 22 4.80 1.52 2.40
N ALA A 23 4.49 1.73 1.16
CA ALA A 23 3.85 0.65 0.35
C ALA A 23 3.93 1.02 -1.13
N LYS A 24 3.72 0.07 -2.00
CA LYS A 24 3.78 0.37 -3.47
C LYS A 24 2.61 -0.31 -4.18
N CYS A 25 2.52 -0.15 -5.47
CA CYS A 25 1.40 -0.78 -6.23
C CYS A 25 1.95 -1.49 -7.47
N MET A 26 1.32 -2.55 -7.88
CA MET A 26 1.80 -3.27 -9.09
C MET A 26 0.61 -3.64 -9.99
N ASN A 27 0.42 -2.92 -11.06
CA ASN A 27 -0.71 -3.22 -11.99
C ASN A 27 -1.98 -3.57 -11.18
N ARG A 28 -2.67 -2.57 -10.70
CA ARG A 28 -3.92 -2.83 -9.93
C ARG A 28 -3.63 -3.70 -8.70
N LYS A 29 -2.40 -3.73 -8.25
CA LYS A 29 -2.07 -4.55 -7.05
C LYS A 29 -1.51 -3.63 -5.97
N CYS A 30 -1.40 -4.11 -4.75
CA CYS A 30 -0.86 -3.26 -3.67
C CYS A 30 -0.06 -4.11 -2.68
N LYS A 31 0.99 -3.59 -2.13
CA LYS A 31 1.81 -4.37 -1.16
C LYS A 31 2.31 -3.44 -0.06
N CYS A 32 2.43 -3.93 1.14
CA CYS A 32 2.90 -3.06 2.25
C CYS A 32 4.39 -3.31 2.51
N PHE A 33 5.04 -2.42 3.21
CA PHE A 33 6.49 -2.61 3.50
C PHE A 33 6.70 -2.67 5.01
N GLY A 34 6.14 -3.65 5.65
CA GLY A 34 6.31 -3.77 7.14
C GLY A 34 7.78 -3.57 7.50
N ARG A 35 8.60 -4.56 7.24
CA ARG A 35 10.05 -4.43 7.58
C ARG A 35 10.74 -5.77 7.37
N THR A 1 -7.80 -8.50 -3.07
CA THR A 1 -6.66 -7.52 -3.06
C THR A 1 -7.23 -6.10 -3.12
N ILE A 2 -6.52 -5.20 -3.73
CA ILE A 2 -7.02 -3.79 -3.80
C ILE A 2 -6.69 -3.21 -5.18
N SER A 3 -7.28 -2.09 -5.51
CA SER A 3 -7.01 -1.46 -6.84
C SER A 3 -6.58 -0.01 -6.62
N CYS A 4 -5.34 0.29 -6.87
CA CYS A 4 -4.86 1.69 -6.64
C CYS A 4 -4.08 2.18 -7.87
N THR A 5 -4.59 3.13 -8.58
CA THR A 5 -3.87 3.65 -9.78
C THR A 5 -2.64 4.42 -9.29
N ASN A 6 -2.66 4.87 -8.07
CA ASN A 6 -1.51 5.62 -7.52
C ASN A 6 -1.09 4.99 -6.19
N PRO A 7 0.05 5.40 -5.69
CA PRO A 7 0.60 4.90 -4.41
C PRO A 7 -0.12 5.54 -3.22
N LYS A 8 -0.63 6.73 -3.40
CA LYS A 8 -1.33 7.42 -2.28
C LYS A 8 -2.39 6.52 -1.65
N GLN A 9 -2.83 5.51 -2.36
CA GLN A 9 -3.87 4.61 -1.79
C GLN A 9 -3.21 3.51 -0.95
N CYS A 10 -2.15 2.93 -1.44
CA CYS A 10 -1.47 1.85 -0.66
C CYS A 10 -0.59 2.48 0.42
N TYR A 11 -0.42 3.78 0.38
CA TYR A 11 0.42 4.45 1.40
C TYR A 11 -0.29 4.41 2.76
N PRO A 12 -1.51 4.87 2.79
CA PRO A 12 -2.32 4.87 4.02
C PRO A 12 -2.83 3.46 4.35
N HIS A 13 -3.31 2.73 3.39
CA HIS A 13 -3.80 1.36 3.67
C HIS A 13 -2.71 0.59 4.40
N CYS A 14 -1.48 0.74 3.98
CA CYS A 14 -0.37 0.02 4.65
C CYS A 14 -0.05 0.70 5.98
N LYS A 15 -0.24 1.99 6.06
CA LYS A 15 0.05 2.71 7.33
C LYS A 15 -0.62 2.00 8.50
N LYS A 16 -1.63 1.21 8.24
CA LYS A 16 -2.31 0.49 9.35
C LYS A 16 -2.15 -1.02 9.18
N GLU A 17 -2.05 -1.50 7.96
CA GLU A 17 -1.89 -2.96 7.75
C GLU A 17 -0.62 -3.44 8.44
N THR A 18 0.48 -2.78 8.20
CA THR A 18 1.76 -3.20 8.84
C THR A 18 2.24 -2.08 9.78
N GLY A 19 1.48 -1.02 9.90
CA GLY A 19 1.90 0.09 10.78
C GLY A 19 2.81 1.04 10.01
N TYR A 20 3.37 0.59 8.91
CA TYR A 20 4.26 1.48 8.11
C TYR A 20 3.56 1.84 6.79
N PRO A 21 3.50 3.12 6.50
CA PRO A 21 2.87 3.61 5.27
C PRO A 21 3.80 3.39 4.07
N ASN A 22 5.04 3.08 4.34
CA ASN A 22 6.01 2.87 3.23
C ASN A 22 5.59 1.64 2.42
N ALA A 23 4.76 1.84 1.42
CA ALA A 23 4.30 0.69 0.59
C ALA A 23 4.46 1.04 -0.89
N LYS A 24 3.86 0.27 -1.76
CA LYS A 24 3.98 0.57 -3.22
C LYS A 24 2.74 0.03 -3.95
N CYS A 25 2.39 0.64 -5.05
CA CYS A 25 1.20 0.16 -5.81
C CYS A 25 1.69 -0.54 -7.09
N MET A 26 1.92 -1.82 -7.02
CA MET A 26 2.40 -2.57 -8.22
C MET A 26 1.26 -2.73 -9.22
N ASN A 27 1.36 -2.09 -10.36
CA ASN A 27 0.30 -2.21 -11.40
C ASN A 27 -1.08 -2.26 -10.73
N ARG A 28 -1.34 -1.39 -9.79
CA ARG A 28 -2.67 -1.38 -9.12
C ARG A 28 -2.74 -2.50 -8.07
N LYS A 29 -1.68 -2.72 -7.34
CA LYS A 29 -1.70 -3.80 -6.31
C LYS A 29 -1.00 -3.28 -5.05
N CYS A 30 -1.73 -2.87 -4.07
CA CYS A 30 -1.10 -2.34 -2.82
C CYS A 30 -0.22 -3.42 -2.20
N LYS A 31 0.99 -3.07 -1.86
CA LYS A 31 1.91 -4.06 -1.22
C LYS A 31 2.71 -3.36 -0.13
N CYS A 32 2.44 -3.70 1.11
CA CYS A 32 3.18 -3.04 2.23
C CYS A 32 4.59 -3.60 2.34
N PHE A 33 5.44 -2.95 3.09
CA PHE A 33 6.84 -3.43 3.24
C PHE A 33 7.21 -3.52 4.72
N GLY A 34 6.38 -4.12 5.52
CA GLY A 34 6.71 -4.23 6.97
C GLY A 34 5.71 -5.16 7.67
N ARG A 35 5.09 -6.05 6.94
CA ARG A 35 4.12 -6.98 7.58
C ARG A 35 4.86 -8.16 8.19
N THR A 1 -8.45 -8.10 -4.21
CA THR A 1 -7.65 -7.19 -3.34
C THR A 1 -8.01 -5.73 -3.67
N ILE A 2 -7.07 -4.83 -3.56
CA ILE A 2 -7.37 -3.40 -3.86
C ILE A 2 -6.73 -3.02 -5.20
N SER A 3 -7.24 -1.98 -5.83
CA SER A 3 -6.66 -1.54 -7.12
C SER A 3 -6.10 -0.13 -6.96
N CYS A 4 -4.97 -0.01 -6.31
CA CYS A 4 -4.38 1.35 -6.10
C CYS A 4 -3.65 1.81 -7.36
N THR A 5 -3.87 3.05 -7.75
CA THR A 5 -3.17 3.58 -8.95
C THR A 5 -2.11 4.58 -8.49
N ASN A 6 -1.80 4.57 -7.22
CA ASN A 6 -0.78 5.50 -6.67
C ASN A 6 -0.40 5.06 -5.26
N PRO A 7 0.69 5.59 -4.76
CA PRO A 7 1.18 5.26 -3.42
C PRO A 7 0.39 6.03 -2.35
N LYS A 8 -0.11 7.18 -2.68
CA LYS A 8 -0.88 7.99 -1.69
C LYS A 8 -2.07 7.18 -1.15
N GLN A 9 -2.44 6.12 -1.83
CA GLN A 9 -3.60 5.31 -1.34
C GLN A 9 -3.09 4.14 -0.51
N CYS A 10 -2.03 3.51 -0.94
CA CYS A 10 -1.48 2.37 -0.18
C CYS A 10 -0.63 2.89 0.98
N TYR A 11 -0.42 4.17 1.05
CA TYR A 11 0.39 4.75 2.15
C TYR A 11 -0.38 4.56 3.46
N PRO A 12 -1.61 5.02 3.48
CA PRO A 12 -2.47 4.90 4.66
C PRO A 12 -3.00 3.46 4.79
N HIS A 13 -3.44 2.87 3.70
CA HIS A 13 -3.95 1.48 3.78
C HIS A 13 -2.92 0.61 4.49
N CYS A 14 -1.66 0.90 4.30
CA CYS A 14 -0.59 0.09 4.95
C CYS A 14 -0.19 0.72 6.29
N LYS A 15 -0.49 1.97 6.49
CA LYS A 15 -0.12 2.64 7.77
C LYS A 15 -0.76 1.91 8.96
N LYS A 16 -1.98 1.46 8.81
CA LYS A 16 -2.65 0.75 9.94
C LYS A 16 -2.63 -0.76 9.71
N GLU A 17 -2.51 -1.18 8.48
CA GLU A 17 -2.48 -2.64 8.21
C GLU A 17 -1.29 -3.29 8.92
N THR A 18 -0.12 -2.74 8.75
CA THR A 18 1.08 -3.33 9.42
C THR A 18 1.74 -2.27 10.30
N GLY A 19 1.72 -1.03 9.88
CA GLY A 19 2.35 0.04 10.67
C GLY A 19 3.15 0.96 9.76
N TYR A 20 3.85 0.40 8.80
CA TYR A 20 4.65 1.23 7.88
C TYR A 20 3.77 1.70 6.71
N PRO A 21 3.79 2.99 6.43
CA PRO A 21 3.00 3.58 5.35
C PRO A 21 3.67 3.33 4.01
N ASN A 22 4.98 3.37 3.98
CA ASN A 22 5.70 3.14 2.69
C ASN A 22 5.10 1.94 1.97
N ALA A 23 4.55 2.15 0.80
CA ALA A 23 3.95 1.03 0.05
C ALA A 23 4.03 1.32 -1.46
N LYS A 24 4.08 0.30 -2.27
CA LYS A 24 4.16 0.54 -3.75
C LYS A 24 3.04 -0.24 -4.45
N CYS A 25 2.61 0.23 -5.58
CA CYS A 25 1.53 -0.48 -6.32
C CYS A 25 2.14 -1.27 -7.48
N MET A 26 1.33 -1.94 -8.25
CA MET A 26 1.88 -2.73 -9.39
C MET A 26 0.72 -3.34 -10.20
N ASN A 27 0.57 -2.94 -11.44
CA ASN A 27 -0.53 -3.50 -12.28
C ASN A 27 -1.80 -3.67 -11.44
N ARG A 28 -2.30 -2.60 -10.87
CA ARG A 28 -3.54 -2.72 -10.04
C ARG A 28 -3.26 -3.62 -8.85
N LYS A 29 -2.09 -3.53 -8.27
CA LYS A 29 -1.77 -4.38 -7.09
C LYS A 29 -1.15 -3.51 -6.00
N CYS A 30 -1.25 -3.93 -4.76
CA CYS A 30 -0.67 -3.12 -3.66
C CYS A 30 0.20 -4.00 -2.77
N LYS A 31 1.36 -3.53 -2.41
CA LYS A 31 2.27 -4.31 -1.53
C LYS A 31 2.80 -3.39 -0.42
N CYS A 32 2.37 -3.61 0.79
CA CYS A 32 2.82 -2.74 1.90
C CYS A 32 4.24 -3.13 2.35
N PHE A 33 4.90 -2.24 3.02
CA PHE A 33 6.28 -2.54 3.50
C PHE A 33 6.21 -2.94 4.99
N GLY A 34 5.42 -3.93 5.30
CA GLY A 34 5.30 -4.35 6.71
C GLY A 34 6.44 -5.30 7.08
N ARG A 35 7.64 -5.00 6.69
CA ARG A 35 8.79 -5.88 7.01
C ARG A 35 8.88 -6.07 8.52
N THR A 1 -7.11 -7.46 -0.90
CA THR A 1 -6.53 -6.82 -2.12
C THR A 1 -7.31 -5.55 -2.45
N ILE A 2 -6.63 -4.53 -2.92
CA ILE A 2 -7.34 -3.27 -3.26
C ILE A 2 -6.83 -2.75 -4.61
N SER A 3 -7.60 -1.91 -5.25
CA SER A 3 -7.16 -1.36 -6.57
C SER A 3 -6.47 -0.02 -6.34
N CYS A 4 -5.16 0.00 -6.39
CA CYS A 4 -4.45 1.29 -6.16
C CYS A 4 -3.66 1.68 -7.41
N THR A 5 -3.81 2.91 -7.83
CA THR A 5 -3.07 3.38 -9.03
C THR A 5 -2.00 4.38 -8.58
N ASN A 6 -1.67 4.37 -7.32
CA ASN A 6 -0.65 5.31 -6.79
C ASN A 6 -0.34 4.93 -5.34
N PRO A 7 0.67 5.55 -4.78
CA PRO A 7 1.09 5.29 -3.39
C PRO A 7 0.18 6.02 -2.41
N LYS A 8 -0.35 7.14 -2.79
CA LYS A 8 -1.24 7.91 -1.87
C LYS A 8 -2.34 6.99 -1.32
N GLN A 9 -2.68 5.95 -2.03
CA GLN A 9 -3.75 5.03 -1.54
C GLN A 9 -3.16 3.97 -0.61
N CYS A 10 -2.07 3.36 -1.00
CA CYS A 10 -1.44 2.32 -0.14
C CYS A 10 -0.68 3.00 1.00
N TYR A 11 -0.64 4.30 1.01
CA TYR A 11 0.08 5.01 2.09
C TYR A 11 -0.67 4.79 3.42
N PRO A 12 -1.91 5.20 3.45
CA PRO A 12 -2.76 5.01 4.64
C PRO A 12 -3.22 3.55 4.74
N HIS A 13 -3.56 2.97 3.63
CA HIS A 13 -4.00 1.55 3.64
C HIS A 13 -2.93 0.70 4.35
N CYS A 14 -1.70 0.87 3.98
CA CYS A 14 -0.60 0.08 4.62
C CYS A 14 -0.41 0.56 6.06
N LYS A 15 -0.56 1.83 6.31
CA LYS A 15 -0.38 2.35 7.69
C LYS A 15 -1.19 1.50 8.67
N LYS A 16 -2.23 0.86 8.20
CA LYS A 16 -3.06 0.02 9.10
C LYS A 16 -2.77 -1.46 8.84
N GLU A 17 -2.36 -1.80 7.65
CA GLU A 17 -2.07 -3.22 7.33
C GLU A 17 -0.87 -3.69 8.17
N THR A 18 0.24 -3.02 8.03
CA THR A 18 1.45 -3.43 8.81
C THR A 18 1.98 -2.24 9.60
N GLY A 19 1.44 -1.07 9.37
CA GLY A 19 1.92 0.13 10.11
C GLY A 19 2.86 0.94 9.22
N TYR A 20 3.61 0.28 8.37
CA TYR A 20 4.54 1.02 7.48
C TYR A 20 3.74 1.73 6.37
N PRO A 21 3.92 3.02 6.27
CA PRO A 21 3.22 3.83 5.25
C PRO A 21 3.90 3.65 3.89
N ASN A 22 5.19 3.50 3.87
CA ASN A 22 5.90 3.31 2.58
C ASN A 22 5.35 2.08 1.87
N ALA A 23 4.67 2.27 0.78
CA ALA A 23 4.09 1.10 0.04
C ALA A 23 4.23 1.34 -1.46
N LYS A 24 3.82 0.39 -2.26
CA LYS A 24 3.92 0.57 -3.74
C LYS A 24 2.70 -0.07 -4.42
N CYS A 25 2.51 0.21 -5.67
CA CYS A 25 1.34 -0.37 -6.38
C CYS A 25 1.83 -1.31 -7.49
N MET A 26 2.08 -2.55 -7.16
CA MET A 26 2.55 -3.51 -8.18
C MET A 26 1.38 -3.96 -9.06
N ASN A 27 1.50 -3.77 -10.35
CA ASN A 27 0.38 -4.18 -11.27
C ASN A 27 -0.97 -3.82 -10.65
N ARG A 28 -1.13 -2.60 -10.22
CA ARG A 28 -2.43 -2.19 -9.61
C ARG A 28 -2.67 -2.99 -8.32
N LYS A 29 -1.67 -3.10 -7.49
CA LYS A 29 -1.86 -3.88 -6.22
C LYS A 29 -1.00 -3.25 -5.12
N CYS A 30 -1.63 -2.71 -4.10
CA CYS A 30 -0.86 -2.08 -3.00
C CYS A 30 0.24 -3.05 -2.53
N LYS A 31 1.29 -2.54 -1.95
CA LYS A 31 2.38 -3.43 -1.47
C LYS A 31 3.07 -2.77 -0.25
N CYS A 32 2.66 -3.14 0.93
CA CYS A 32 3.29 -2.55 2.14
C CYS A 32 4.76 -2.95 2.21
N PHE A 33 5.59 -2.14 2.83
CA PHE A 33 7.03 -2.48 2.92
C PHE A 33 7.31 -3.15 4.27
N GLY A 34 6.57 -4.16 4.61
CA GLY A 34 6.80 -4.84 5.92
C GLY A 34 5.73 -5.92 6.15
N ARG A 35 4.54 -5.68 5.66
CA ARG A 35 3.44 -6.68 5.85
C ARG A 35 3.28 -6.96 7.34
N THR A 1 -6.89 -7.83 -2.08
CA THR A 1 -6.20 -6.88 -3.01
C THR A 1 -7.08 -5.66 -3.25
N ILE A 2 -6.49 -4.55 -3.59
CA ILE A 2 -7.31 -3.32 -3.83
C ILE A 2 -6.85 -2.66 -5.13
N SER A 3 -7.66 -1.81 -5.69
CA SER A 3 -7.27 -1.12 -6.95
C SER A 3 -6.75 0.28 -6.60
N CYS A 4 -5.47 0.40 -6.45
CA CYS A 4 -4.88 1.73 -6.10
C CYS A 4 -4.46 2.48 -7.36
N THR A 5 -4.71 3.76 -7.40
CA THR A 5 -4.31 4.56 -8.59
C THR A 5 -3.03 5.34 -8.26
N ASN A 6 -2.47 5.11 -7.10
CA ASN A 6 -1.22 5.82 -6.71
C ASN A 6 -0.75 5.31 -5.35
N PRO A 7 0.45 5.66 -4.99
CA PRO A 7 1.05 5.24 -3.71
C PRO A 7 0.49 6.09 -2.56
N LYS A 8 0.15 7.32 -2.83
CA LYS A 8 -0.37 8.20 -1.75
C LYS A 8 -1.60 7.55 -1.11
N GLN A 9 -2.21 6.60 -1.77
CA GLN A 9 -3.40 5.93 -1.19
C GLN A 9 -2.97 4.66 -0.47
N CYS A 10 -2.01 3.96 -1.00
CA CYS A 10 -1.54 2.72 -0.35
C CYS A 10 -0.62 3.09 0.82
N TYR A 11 -0.27 4.35 0.93
CA TYR A 11 0.60 4.78 2.04
C TYR A 11 -0.14 4.61 3.36
N PRO A 12 -1.29 5.21 3.46
CA PRO A 12 -2.14 5.10 4.67
C PRO A 12 -2.78 3.72 4.77
N HIS A 13 -3.31 3.20 3.70
CA HIS A 13 -3.94 1.85 3.76
C HIS A 13 -2.93 0.87 4.35
N CYS A 14 -1.68 1.01 4.00
CA CYS A 14 -0.64 0.08 4.53
C CYS A 14 -0.40 0.38 6.01
N LYS A 15 -0.32 1.63 6.38
CA LYS A 15 -0.09 1.96 7.81
C LYS A 15 -1.17 1.31 8.67
N LYS A 16 -2.26 0.93 8.06
CA LYS A 16 -3.36 0.28 8.83
C LYS A 16 -3.16 -1.24 8.85
N GLU A 17 -2.54 -1.77 7.83
CA GLU A 17 -2.31 -3.24 7.78
C GLU A 17 -1.17 -3.62 8.73
N THR A 18 -0.11 -2.87 8.72
CA THR A 18 1.04 -3.17 9.61
C THR A 18 1.41 -1.93 10.43
N GLY A 19 1.58 -0.81 9.78
CA GLY A 19 1.93 0.42 10.53
C GLY A 19 2.83 1.31 9.66
N TYR A 20 3.57 0.72 8.76
CA TYR A 20 4.47 1.53 7.88
C TYR A 20 3.70 1.95 6.63
N PRO A 21 3.92 3.18 6.22
CA PRO A 21 3.25 3.75 5.04
C PRO A 21 3.95 3.29 3.76
N ASN A 22 5.21 2.96 3.84
CA ASN A 22 5.94 2.49 2.62
C ASN A 22 5.12 1.42 1.91
N ALA A 23 4.99 1.52 0.62
CA ALA A 23 4.20 0.51 -0.13
C ALA A 23 4.16 0.88 -1.62
N LYS A 24 4.19 -0.08 -2.48
CA LYS A 24 4.16 0.23 -3.94
C LYS A 24 2.83 -0.24 -4.54
N CYS A 25 2.64 -0.03 -5.80
CA CYS A 25 1.38 -0.46 -6.46
C CYS A 25 1.71 -0.94 -7.88
N MET A 26 1.86 -2.23 -8.06
CA MET A 26 2.21 -2.75 -9.42
C MET A 26 0.99 -3.40 -10.06
N ASN A 27 0.57 -2.88 -11.19
CA ASN A 27 -0.60 -3.46 -11.91
C ASN A 27 -1.66 -3.95 -10.93
N ARG A 28 -2.34 -3.05 -10.26
CA ARG A 28 -3.41 -3.48 -9.31
C ARG A 28 -2.82 -4.46 -8.28
N LYS A 29 -1.62 -4.23 -7.85
CA LYS A 29 -1.01 -5.15 -6.84
C LYS A 29 -0.24 -4.36 -5.80
N CYS A 30 -0.94 -3.72 -4.90
CA CYS A 30 -0.25 -2.91 -3.85
C CYS A 30 0.70 -3.82 -3.05
N LYS A 31 1.62 -3.23 -2.34
CA LYS A 31 2.58 -4.06 -1.55
C LYS A 31 3.05 -3.25 -0.33
N CYS A 32 2.56 -3.58 0.83
CA CYS A 32 2.98 -2.82 2.05
C CYS A 32 4.25 -3.45 2.62
N PHE A 33 5.17 -2.64 3.09
CA PHE A 33 6.43 -3.19 3.65
C PHE A 33 6.23 -3.52 5.14
N GLY A 34 5.17 -4.21 5.46
CA GLY A 34 4.93 -4.56 6.89
C GLY A 34 6.23 -5.05 7.55
N ARG A 35 6.96 -5.89 6.88
CA ARG A 35 8.24 -6.40 7.45
C ARG A 35 8.95 -7.29 6.43
N THR A 1 -6.17 -8.35 -2.36
CA THR A 1 -5.37 -7.10 -2.47
C THR A 1 -6.28 -5.95 -2.91
N ILE A 2 -5.71 -4.87 -3.37
CA ILE A 2 -6.56 -3.71 -3.81
C ILE A 2 -6.02 -3.14 -5.12
N SER A 3 -6.75 -2.26 -5.74
CA SER A 3 -6.29 -1.66 -7.01
C SER A 3 -6.12 -0.14 -6.81
N CYS A 4 -4.98 0.39 -7.12
CA CYS A 4 -4.78 1.85 -6.93
C CYS A 4 -4.09 2.47 -8.15
N THR A 5 -4.12 3.77 -8.26
CA THR A 5 -3.45 4.44 -9.40
C THR A 5 -2.24 5.20 -8.87
N ASN A 6 -2.18 5.41 -7.58
CA ASN A 6 -1.04 6.13 -6.97
C ASN A 6 -0.75 5.53 -5.59
N PRO A 7 0.42 5.83 -5.08
CA PRO A 7 0.85 5.32 -3.75
C PRO A 7 0.17 6.09 -2.62
N LYS A 8 -0.21 7.31 -2.87
CA LYS A 8 -0.87 8.12 -1.81
C LYS A 8 -2.04 7.34 -1.18
N GLN A 9 -2.53 6.34 -1.85
CA GLN A 9 -3.67 5.56 -1.27
C GLN A 9 -3.16 4.34 -0.49
N CYS A 10 -2.15 3.68 -0.99
CA CYS A 10 -1.61 2.51 -0.26
C CYS A 10 -0.71 2.98 0.88
N TYR A 11 -0.40 4.24 0.92
CA TYR A 11 0.46 4.77 2.00
C TYR A 11 -0.27 4.68 3.34
N PRO A 12 -1.45 5.24 3.39
CA PRO A 12 -2.29 5.21 4.60
C PRO A 12 -2.90 3.82 4.82
N HIS A 13 -3.41 3.21 3.79
CA HIS A 13 -4.02 1.86 3.95
C HIS A 13 -3.00 0.92 4.61
N CYS A 14 -1.74 1.10 4.33
CA CYS A 14 -0.70 0.22 4.94
C CYS A 14 -0.35 0.72 6.34
N LYS A 15 -0.37 2.00 6.56
CA LYS A 15 -0.02 2.55 7.90
C LYS A 15 -0.94 1.94 8.97
N LYS A 16 -2.12 1.53 8.59
CA LYS A 16 -3.06 0.94 9.59
C LYS A 16 -2.98 -0.59 9.53
N GLU A 17 -2.55 -1.12 8.42
CA GLU A 17 -2.47 -2.60 8.28
C GLU A 17 -1.25 -3.11 9.05
N THR A 18 -0.07 -2.71 8.66
CA THR A 18 1.15 -3.19 9.38
C THR A 18 1.79 -2.03 10.15
N GLY A 19 1.21 -0.87 10.09
CA GLY A 19 1.78 0.29 10.82
C GLY A 19 2.72 1.07 9.90
N TYR A 20 3.65 0.40 9.28
CA TYR A 20 4.59 1.11 8.37
C TYR A 20 3.82 1.59 7.13
N PRO A 21 4.06 2.82 6.74
CA PRO A 21 3.40 3.43 5.58
C PRO A 21 4.07 2.97 4.28
N ASN A 22 5.34 2.68 4.32
CA ASN A 22 6.05 2.24 3.09
C ASN A 22 5.18 1.25 2.32
N ALA A 23 4.94 1.51 1.06
CA ALA A 23 4.11 0.57 0.25
C ALA A 23 4.18 0.98 -1.22
N LYS A 24 3.97 0.05 -2.12
CA LYS A 24 4.05 0.40 -3.57
C LYS A 24 2.95 -0.37 -4.33
N CYS A 25 2.31 0.28 -5.26
CA CYS A 25 1.24 -0.40 -6.05
C CYS A 25 1.88 -1.14 -7.22
N MET A 26 1.17 -2.08 -7.80
CA MET A 26 1.73 -2.83 -8.96
C MET A 26 0.65 -2.93 -10.05
N ASN A 27 0.85 -3.80 -11.01
CA ASN A 27 -0.16 -3.94 -12.09
C ASN A 27 -1.55 -4.14 -11.47
N ARG A 28 -2.27 -3.07 -11.26
CA ARG A 28 -3.63 -3.20 -10.65
C ARG A 28 -3.52 -3.96 -9.33
N LYS A 29 -2.52 -3.67 -8.53
CA LYS A 29 -2.38 -4.38 -7.24
C LYS A 29 -1.72 -3.46 -6.21
N CYS A 30 -1.33 -3.99 -5.09
CA CYS A 30 -0.69 -3.14 -4.05
C CYS A 30 -0.19 -4.01 -2.90
N LYS A 31 0.98 -3.72 -2.39
CA LYS A 31 1.54 -4.52 -1.27
C LYS A 31 2.25 -3.59 -0.28
N CYS A 32 2.05 -3.82 0.99
CA CYS A 32 2.71 -2.94 2.01
C CYS A 32 4.09 -3.50 2.36
N PHE A 33 4.90 -2.73 3.03
CA PHE A 33 6.25 -3.21 3.42
C PHE A 33 6.28 -3.52 4.90
N GLY A 34 5.38 -4.35 5.37
CA GLY A 34 5.35 -4.68 6.81
C GLY A 34 6.68 -5.33 7.22
N ARG A 35 7.27 -6.08 6.34
CA ARG A 35 8.57 -6.73 6.68
C ARG A 35 9.67 -6.14 5.80
N THR A 1 -3.38 -6.11 -4.16
CA THR A 1 -4.51 -6.64 -3.36
C THR A 1 -5.69 -5.66 -3.43
N ILE A 2 -5.41 -4.43 -3.74
CA ILE A 2 -6.49 -3.41 -3.82
C ILE A 2 -6.31 -2.59 -5.09
N SER A 3 -7.28 -1.77 -5.42
CA SER A 3 -7.17 -0.95 -6.65
C SER A 3 -6.50 0.40 -6.30
N CYS A 4 -5.22 0.50 -6.49
CA CYS A 4 -4.52 1.77 -6.16
C CYS A 4 -3.61 2.18 -7.32
N THR A 5 -4.08 3.06 -8.16
CA THR A 5 -3.23 3.51 -9.31
C THR A 5 -2.07 4.34 -8.77
N ASN A 6 -2.14 4.73 -7.53
CA ASN A 6 -1.04 5.56 -6.94
C ASN A 6 -0.66 4.98 -5.57
N PRO A 7 0.42 5.49 -5.03
CA PRO A 7 0.92 5.05 -3.72
C PRO A 7 0.12 5.69 -2.58
N LYS A 8 -0.42 6.85 -2.81
CA LYS A 8 -1.21 7.54 -1.74
C LYS A 8 -2.32 6.62 -1.23
N GLN A 9 -2.64 5.58 -1.96
CA GLN A 9 -3.71 4.66 -1.49
C GLN A 9 -3.11 3.65 -0.52
N CYS A 10 -1.98 3.09 -0.84
CA CYS A 10 -1.34 2.10 0.06
C CYS A 10 -0.55 2.85 1.15
N TYR A 11 -0.46 4.14 1.06
CA TYR A 11 0.29 4.91 2.08
C TYR A 11 -0.50 4.87 3.40
N PRO A 12 -1.75 5.25 3.31
CA PRO A 12 -2.64 5.23 4.49
C PRO A 12 -3.11 3.82 4.82
N HIS A 13 -3.48 3.05 3.82
CA HIS A 13 -3.94 1.66 4.08
C HIS A 13 -2.83 0.89 4.79
N CYS A 14 -1.64 0.96 4.28
CA CYS A 14 -0.51 0.22 4.93
C CYS A 14 -0.12 0.92 6.23
N LYS A 15 -0.36 2.21 6.32
CA LYS A 15 -0.01 2.95 7.55
C LYS A 15 -0.61 2.26 8.78
N LYS A 16 -1.71 1.57 8.61
CA LYS A 16 -2.33 0.88 9.77
C LYS A 16 -2.47 -0.61 9.48
N GLU A 17 -1.92 -1.07 8.39
CA GLU A 17 -2.03 -2.52 8.06
C GLU A 17 -0.80 -3.23 8.63
N THR A 18 0.31 -2.55 8.70
CA THR A 18 1.55 -3.19 9.23
C THR A 18 2.33 -2.17 10.06
N GLY A 19 1.73 -1.07 10.38
CA GLY A 19 2.42 -0.04 11.20
C GLY A 19 3.32 0.82 10.29
N TYR A 20 3.50 0.42 9.07
CA TYR A 20 4.36 1.21 8.15
C TYR A 20 3.50 1.71 6.97
N PRO A 21 3.54 3.00 6.73
CA PRO A 21 2.76 3.62 5.64
C PRO A 21 3.45 3.39 4.30
N ASN A 22 4.75 3.26 4.29
CA ASN A 22 5.47 3.03 3.01
C ASN A 22 4.76 1.93 2.23
N ALA A 23 4.47 2.15 0.98
CA ALA A 23 3.77 1.10 0.19
C ALA A 23 3.76 1.50 -1.30
N LYS A 24 3.77 0.52 -2.16
CA LYS A 24 3.75 0.82 -3.63
C LYS A 24 2.72 -0.08 -4.31
N CYS A 25 2.24 0.30 -5.45
CA CYS A 25 1.22 -0.54 -6.15
C CYS A 25 1.89 -1.30 -7.31
N MET A 26 1.33 -2.42 -7.69
CA MET A 26 1.92 -3.21 -8.80
C MET A 26 0.81 -3.64 -9.76
N ASN A 27 0.62 -2.91 -10.84
CA ASN A 27 -0.45 -3.27 -11.81
C ASN A 27 -1.71 -3.72 -11.06
N ARG A 28 -2.19 -2.90 -10.16
CA ARG A 28 -3.40 -3.27 -9.37
C ARG A 28 -3.02 -4.26 -8.26
N LYS A 29 -1.83 -4.14 -7.75
CA LYS A 29 -1.40 -5.07 -6.66
C LYS A 29 -0.71 -4.28 -5.54
N CYS A 30 -1.48 -3.76 -4.62
CA CYS A 30 -0.88 -2.97 -3.50
C CYS A 30 0.27 -3.77 -2.88
N LYS A 31 1.18 -3.11 -2.22
CA LYS A 31 2.32 -3.84 -1.59
C LYS A 31 2.89 -3.00 -0.45
N CYS A 32 2.47 -3.24 0.76
CA CYS A 32 3.00 -2.44 1.90
C CYS A 32 4.48 -2.77 2.12
N PHE A 33 5.17 -1.97 2.89
CA PHE A 33 6.60 -2.21 3.14
C PHE A 33 6.78 -3.15 4.33
N GLY A 34 6.04 -4.23 4.36
CA GLY A 34 6.18 -5.19 5.50
C GLY A 34 4.94 -6.09 5.54
N ARG A 35 3.79 -5.52 5.75
CA ARG A 35 2.55 -6.34 5.80
C ARG A 35 2.70 -7.41 6.89
N THR A 1 -8.18 -7.61 -3.30
CA THR A 1 -7.20 -6.75 -4.02
C THR A 1 -7.80 -5.37 -4.26
N ILE A 2 -7.03 -4.33 -4.12
CA ILE A 2 -7.56 -2.96 -4.36
C ILE A 2 -7.03 -2.42 -5.68
N SER A 3 -7.46 -1.25 -6.06
CA SER A 3 -6.97 -0.65 -7.34
C SER A 3 -6.31 0.69 -7.03
N CYS A 4 -5.17 0.66 -6.41
CA CYS A 4 -4.49 1.95 -6.08
C CYS A 4 -3.64 2.42 -7.27
N THR A 5 -3.86 3.63 -7.71
CA THR A 5 -3.06 4.15 -8.86
C THR A 5 -1.88 4.95 -8.30
N ASN A 6 -1.64 4.84 -7.01
CA ASN A 6 -0.51 5.59 -6.40
C ASN A 6 -0.30 5.08 -4.97
N PRO A 7 0.85 5.39 -4.41
CA PRO A 7 1.21 4.98 -3.05
C PRO A 7 0.50 5.86 -2.01
N LYS A 8 0.14 7.04 -2.38
CA LYS A 8 -0.53 7.97 -1.42
C LYS A 8 -1.72 7.27 -0.77
N GLN A 9 -2.53 6.61 -1.55
CA GLN A 9 -3.72 5.91 -0.96
C GLN A 9 -3.25 4.62 -0.29
N CYS A 10 -2.18 4.05 -0.77
CA CYS A 10 -1.65 2.80 -0.15
C CYS A 10 -0.85 3.18 1.10
N TYR A 11 -0.64 4.45 1.32
CA TYR A 11 0.12 4.90 2.51
C TYR A 11 -0.69 4.59 3.77
N PRO A 12 -1.91 5.08 3.79
CA PRO A 12 -2.83 4.83 4.92
C PRO A 12 -3.35 3.39 4.90
N HIS A 13 -3.73 2.89 3.75
CA HIS A 13 -4.23 1.49 3.71
C HIS A 13 -3.18 0.58 4.34
N CYS A 14 -1.94 0.75 3.97
CA CYS A 14 -0.86 -0.09 4.56
C CYS A 14 -0.57 0.38 5.98
N LYS A 15 -0.90 1.61 6.28
CA LYS A 15 -0.66 2.14 7.65
C LYS A 15 -1.34 1.24 8.67
N LYS A 16 -2.30 0.46 8.23
CA LYS A 16 -3.02 -0.44 9.18
C LYS A 16 -2.56 -1.88 8.94
N GLU A 17 -2.08 -2.18 7.76
CA GLU A 17 -1.63 -3.56 7.47
C GLU A 17 -0.37 -3.85 8.29
N THR A 18 0.68 -3.09 8.07
CA THR A 18 1.92 -3.32 8.84
C THR A 18 2.20 -2.11 9.74
N GLY A 19 1.56 -1.00 9.46
CA GLY A 19 1.78 0.22 10.29
C GLY A 19 2.53 1.26 9.47
N TYR A 20 3.35 0.84 8.55
CA TYR A 20 4.11 1.82 7.74
C TYR A 20 3.40 2.08 6.40
N PRO A 21 3.41 3.32 5.97
CA PRO A 21 2.77 3.72 4.71
C PRO A 21 3.67 3.37 3.52
N ASN A 22 4.92 3.07 3.78
CA ASN A 22 5.84 2.71 2.67
C ASN A 22 5.34 1.46 1.96
N ALA A 23 4.69 1.61 0.83
CA ALA A 23 4.17 0.42 0.11
C ALA A 23 4.19 0.70 -1.40
N LYS A 24 3.88 -0.28 -2.20
CA LYS A 24 3.87 -0.07 -3.67
C LYS A 24 2.73 -0.89 -4.29
N CYS A 25 2.23 -0.46 -5.42
CA CYS A 25 1.12 -1.21 -6.07
C CYS A 25 1.64 -1.96 -7.29
N MET A 26 1.87 -3.24 -7.15
CA MET A 26 2.36 -4.03 -8.32
C MET A 26 1.17 -4.45 -9.18
N ASN A 27 1.25 -4.21 -10.47
CA ASN A 27 0.12 -4.59 -11.37
C ASN A 27 -1.21 -4.26 -10.68
N ARG A 28 -1.39 -3.04 -10.27
CA ARG A 28 -2.66 -2.65 -9.59
C ARG A 28 -2.86 -3.55 -8.36
N LYS A 29 -1.83 -3.77 -7.59
CA LYS A 29 -1.96 -4.64 -6.38
C LYS A 29 -1.26 -3.97 -5.21
N CYS A 30 -2.00 -3.34 -4.34
CA CYS A 30 -1.37 -2.67 -3.17
C CYS A 30 -0.65 -3.70 -2.30
N LYS A 31 0.58 -3.45 -1.95
CA LYS A 31 1.34 -4.40 -1.10
C LYS A 31 2.26 -3.62 -0.16
N CYS A 32 2.17 -3.86 1.12
CA CYS A 32 3.03 -3.11 2.08
C CYS A 32 4.41 -3.78 2.16
N PHE A 33 5.37 -3.10 2.71
CA PHE A 33 6.73 -3.69 2.83
C PHE A 33 7.07 -3.93 4.30
N GLY A 34 6.08 -4.25 5.08
CA GLY A 34 6.34 -4.50 6.54
C GLY A 34 7.33 -3.48 7.08
N ARG A 35 7.39 -2.31 6.49
CA ARG A 35 8.34 -1.26 6.98
C ARG A 35 8.52 -0.21 5.88
N THR A 1 -8.94 -6.01 -0.96
CA THR A 1 -7.78 -5.93 -1.90
C THR A 1 -7.63 -4.50 -2.40
N ILE A 2 -8.73 -3.89 -2.73
CA ILE A 2 -8.69 -2.48 -3.21
C ILE A 2 -7.75 -2.36 -4.42
N SER A 3 -7.81 -1.25 -5.10
CA SER A 3 -6.92 -1.04 -6.28
C SER A 3 -6.17 0.28 -6.08
N CYS A 4 -4.93 0.36 -6.50
CA CYS A 4 -4.18 1.63 -6.30
C CYS A 4 -3.16 1.83 -7.43
N THR A 5 -3.26 2.94 -8.11
CA THR A 5 -2.28 3.23 -9.21
C THR A 5 -1.19 4.16 -8.66
N ASN A 6 -1.20 4.37 -7.37
CA ASN A 6 -0.17 5.27 -6.75
C ASN A 6 0.11 4.80 -5.32
N PRO A 7 1.14 5.35 -4.74
CA PRO A 7 1.55 5.00 -3.37
C PRO A 7 0.66 5.69 -2.34
N LYS A 8 0.32 6.93 -2.56
CA LYS A 8 -0.54 7.66 -1.58
C LYS A 8 -1.76 6.80 -1.22
N GLN A 9 -2.23 6.00 -2.14
CA GLN A 9 -3.42 5.14 -1.84
C GLN A 9 -2.99 4.03 -0.88
N CYS A 10 -1.86 3.42 -1.15
CA CYS A 10 -1.37 2.34 -0.26
C CYS A 10 -0.71 2.97 0.96
N TYR A 11 -0.64 4.27 1.01
CA TYR A 11 -0.02 4.94 2.18
C TYR A 11 -0.90 4.67 3.41
N PRO A 12 -2.16 5.06 3.32
CA PRO A 12 -3.14 4.83 4.39
C PRO A 12 -3.60 3.37 4.43
N HIS A 13 -3.85 2.78 3.29
CA HIS A 13 -4.30 1.36 3.27
C HIS A 13 -3.27 0.48 3.99
N CYS A 14 -2.01 0.67 3.69
CA CYS A 14 -0.97 -0.16 4.37
C CYS A 14 -0.75 0.37 5.79
N LYS A 15 -0.95 1.64 5.99
CA LYS A 15 -0.76 2.23 7.35
C LYS A 15 -1.57 1.44 8.37
N LYS A 16 -2.61 0.78 7.93
CA LYS A 16 -3.45 0.00 8.88
C LYS A 16 -3.15 -1.50 8.74
N GLU A 17 -2.55 -1.88 7.65
CA GLU A 17 -2.23 -3.32 7.45
C GLU A 17 -1.03 -3.71 8.32
N THR A 18 0.08 -3.04 8.13
CA THR A 18 1.29 -3.38 8.95
C THR A 18 1.74 -2.15 9.74
N GLY A 19 1.11 -1.03 9.52
CA GLY A 19 1.51 0.20 10.26
C GLY A 19 2.40 1.08 9.37
N TYR A 20 3.33 0.48 8.69
CA TYR A 20 4.24 1.28 7.81
C TYR A 20 3.46 1.73 6.56
N PRO A 21 3.41 3.02 6.35
CA PRO A 21 2.70 3.61 5.20
C PRO A 21 3.55 3.46 3.94
N ASN A 22 4.84 3.34 4.10
CA ASN A 22 5.73 3.19 2.91
C ASN A 22 5.31 1.95 2.12
N ALA A 23 4.56 2.15 1.06
CA ALA A 23 4.11 0.98 0.25
C ALA A 23 4.15 1.33 -1.23
N LYS A 24 4.08 0.33 -2.08
CA LYS A 24 4.11 0.60 -3.55
C LYS A 24 2.94 -0.13 -4.20
N CYS A 25 2.62 0.21 -5.42
CA CYS A 25 1.48 -0.47 -6.11
C CYS A 25 2.00 -1.18 -7.37
N MET A 26 1.26 -2.13 -7.86
CA MET A 26 1.70 -2.86 -9.08
C MET A 26 0.48 -3.28 -9.91
N ASN A 27 0.17 -2.53 -10.93
CA ASN A 27 -1.01 -2.87 -11.78
C ASN A 27 -2.18 -3.32 -10.89
N ARG A 28 -2.57 -2.48 -9.97
CA ARG A 28 -3.71 -2.82 -9.06
C ARG A 28 -3.27 -3.82 -7.98
N LYS A 29 -2.02 -3.84 -7.63
CA LYS A 29 -1.56 -4.78 -6.56
C LYS A 29 -0.81 -4.00 -5.48
N CYS A 30 -1.43 -3.79 -4.36
CA CYS A 30 -0.76 -3.02 -3.26
C CYS A 30 0.34 -3.87 -2.64
N LYS A 31 1.31 -3.24 -2.03
CA LYS A 31 2.42 -4.01 -1.40
C LYS A 31 3.01 -3.18 -0.25
N CYS A 32 2.66 -3.50 0.96
CA CYS A 32 3.19 -2.73 2.12
C CYS A 32 4.63 -3.15 2.41
N PHE A 33 5.40 -2.30 3.03
CA PHE A 33 6.82 -2.65 3.34
C PHE A 33 6.92 -3.16 4.78
N GLY A 34 6.01 -4.01 5.18
CA GLY A 34 6.05 -4.55 6.56
C GLY A 34 7.43 -5.14 6.85
N ARG A 35 8.10 -5.63 5.83
CA ARG A 35 9.45 -6.22 6.05
C ARG A 35 10.42 -5.64 5.01
#